data_1OV6
#
_entry.id   1OV6
#
_cell.length_a   120.550
_cell.length_b   120.550
_cell.length_c   241.030
_cell.angle_alpha   90.00
_cell.angle_beta   90.00
_cell.angle_gamma   120.00
#
_symmetry.space_group_name_H-M   'P 61 2 2'
#
loop_
_entity.id
_entity.type
_entity.pdbx_description
1 polymer 'Purine nucleoside phosphorylase'
2 non-polymer 'PHOSPHATE ION'
3 non-polymer 9-(6-DEOXY-BETA-D-ALLOFURANOSYL)-6-METHYLPURINE
4 water water
#
_entity_poly.entity_id   1
_entity_poly.type   'polypeptide(L)'
_entity_poly.pdbx_seq_one_letter_code
;ATPHINAEMGDFADVVLMPGDPLRAKYIAETFLEDAREVNNVRGMLGFTGTYKGRKISVMGHGVGIPSCSIYTKELITDF
GVKKIIRVGSCGAVLPHVKLRDVVIGMGACTDSKVNRIRFKDHDFAAIADFDMVRNAVDAAKALGIDARVGNLFSADLFY
SPDGEMFDVMEKYGILGVEMEAAGIYGVAAEFGAKALTICTVSDHIRTHEQTTAAERQTTFNDMIKIALESVLLGDKE
;
_entity_poly.pdbx_strand_id   A,B,C
#
loop_
_chem_comp.id
_chem_comp.type
_chem_comp.name
_chem_comp.formula
DBM RNA linking 9-(6-DEOXY-BETA-D-ALLOFURANOSYL)-6-METHYLPURINE 'C12 H16 N4 O4'
PO4 non-polymer 'PHOSPHATE ION' 'O4 P -3'
#
# COMPACT_ATOMS: atom_id res chain seq x y z
N ALA A 1 19.25 22.92 -25.57
CA ALA A 1 18.48 21.78 -26.13
C ALA A 1 18.35 20.65 -25.12
N THR A 2 17.26 19.91 -25.19
CA THR A 2 17.04 18.79 -24.27
C THR A 2 16.57 17.57 -25.06
N PRO A 3 16.45 16.42 -24.39
CA PRO A 3 16.01 15.19 -25.07
C PRO A 3 14.73 15.34 -25.87
N HIS A 4 13.78 16.13 -25.38
CA HIS A 4 12.51 16.28 -26.09
C HIS A 4 12.19 17.68 -26.63
N ILE A 5 13.04 18.66 -26.32
CA ILE A 5 12.81 20.02 -26.81
C ILE A 5 14.07 20.50 -27.52
N ASN A 6 13.98 20.67 -28.84
CA ASN A 6 15.12 21.13 -29.62
C ASN A 6 15.09 22.65 -29.70
N ALA A 7 15.50 23.30 -28.62
CA ALA A 7 15.52 24.74 -28.55
C ALA A 7 16.55 25.19 -27.54
N GLU A 8 16.79 26.49 -27.47
CA GLU A 8 17.77 27.03 -26.54
C GLU A 8 17.11 27.96 -25.54
N MET A 9 17.79 28.19 -24.43
CA MET A 9 17.29 29.08 -23.39
C MET A 9 16.94 30.39 -24.07
N GLY A 10 15.75 30.92 -23.78
CA GLY A 10 15.33 32.16 -24.39
C GLY A 10 14.22 31.93 -25.42
N ASP A 11 14.21 30.75 -26.04
CA ASP A 11 13.21 30.43 -27.05
C ASP A 11 11.78 30.43 -26.51
N PHE A 12 11.59 29.93 -25.30
CA PHE A 12 10.25 29.93 -24.71
C PHE A 12 10.15 31.12 -23.76
N ALA A 13 8.93 31.61 -23.56
CA ALA A 13 8.69 32.71 -22.65
C ALA A 13 8.64 32.11 -21.25
N ASP A 14 8.58 32.96 -20.23
CA ASP A 14 8.52 32.50 -18.86
C ASP A 14 7.16 31.89 -18.51
N VAL A 15 6.21 32.02 -19.42
CA VAL A 15 4.87 31.47 -19.24
C VAL A 15 4.52 30.59 -20.43
N VAL A 16 4.07 29.37 -20.17
CA VAL A 16 3.73 28.47 -21.26
C VAL A 16 2.34 27.87 -21.14
N LEU A 17 1.56 28.01 -22.21
CA LEU A 17 0.22 27.44 -22.26
C LEU A 17 0.42 26.04 -22.86
N MET A 18 -0.22 25.04 -22.27
CA MET A 18 -0.07 23.68 -22.77
C MET A 18 -1.38 22.93 -22.99
N PRO A 19 -1.77 22.73 -24.25
CA PRO A 19 -3.01 21.99 -24.53
C PRO A 19 -2.67 20.51 -24.62
N GLY A 20 -3.69 19.65 -24.45
CA GLY A 20 -3.44 18.22 -24.55
C GLY A 20 -2.99 17.85 -25.97
N ASP A 21 -3.92 17.89 -26.91
CA ASP A 21 -3.61 17.58 -28.30
C ASP A 21 -2.67 18.61 -28.92
N PRO A 22 -1.55 18.15 -29.50
CA PRO A 22 -0.55 19.02 -30.13
C PRO A 22 -1.12 19.97 -31.17
N LEU A 23 -2.09 19.49 -31.95
CA LEU A 23 -2.72 20.29 -33.00
C LEU A 23 -3.21 21.65 -32.51
N ARG A 24 -3.58 21.73 -31.24
CA ARG A 24 -4.09 22.98 -30.70
C ARG A 24 -3.05 24.06 -30.46
N ALA A 25 -1.77 23.68 -30.44
CA ALA A 25 -0.71 24.66 -30.25
C ALA A 25 -0.64 25.62 -31.42
N LYS A 26 -0.64 25.05 -32.63
CA LYS A 26 -0.58 25.85 -33.85
C LYS A 26 -1.80 26.77 -33.91
N TYR A 27 -2.96 26.22 -33.55
CA TYR A 27 -4.19 26.99 -33.55
C TYR A 27 -4.14 28.15 -32.56
N ILE A 28 -3.63 27.90 -31.35
CA ILE A 28 -3.54 28.96 -30.35
C ILE A 28 -2.60 30.08 -30.83
N ALA A 29 -1.48 29.68 -31.40
CA ALA A 29 -0.49 30.64 -31.90
C ALA A 29 -1.00 31.56 -33.00
N GLU A 30 -1.75 31.03 -33.96
CA GLU A 30 -2.25 31.87 -35.04
C GLU A 30 -3.56 32.58 -34.73
N THR A 31 -4.27 32.14 -33.69
CA THR A 31 -5.52 32.77 -33.34
C THR A 31 -5.38 33.82 -32.23
N PHE A 32 -4.50 33.56 -31.25
CA PHE A 32 -4.35 34.50 -30.15
C PHE A 32 -3.01 35.19 -30.00
N LEU A 33 -1.96 34.64 -30.60
CA LEU A 33 -0.65 35.24 -30.49
C LEU A 33 -0.27 36.03 -31.72
N GLU A 34 0.50 37.09 -31.50
CA GLU A 34 0.96 37.93 -32.59
C GLU A 34 2.45 37.69 -32.73
N ASP A 35 2.95 37.80 -33.96
CA ASP A 35 4.39 37.63 -34.22
C ASP A 35 4.91 36.28 -33.73
N ALA A 36 4.08 35.24 -33.81
CA ALA A 36 4.48 33.92 -33.37
C ALA A 36 5.61 33.32 -34.22
N ARG A 37 6.56 32.67 -33.56
CA ARG A 37 7.67 32.01 -34.25
C ARG A 37 7.72 30.57 -33.75
N GLU A 38 8.12 29.64 -34.61
CA GLU A 38 8.21 28.23 -34.22
C GLU A 38 9.49 27.99 -33.45
N VAL A 39 9.40 27.30 -32.31
CA VAL A 39 10.58 27.02 -31.49
C VAL A 39 10.85 25.55 -31.19
N ASN A 40 9.94 24.67 -31.58
CA ASN A 40 10.15 23.24 -31.37
C ASN A 40 9.29 22.39 -32.29
N ASN A 41 9.86 21.28 -32.77
CA ASN A 41 9.15 20.38 -33.67
C ASN A 41 9.42 18.89 -33.37
N VAL A 42 10.28 18.63 -32.39
CA VAL A 42 10.62 17.26 -32.03
C VAL A 42 9.40 16.39 -31.73
N ARG A 43 9.38 15.18 -32.30
CA ARG A 43 8.29 14.24 -32.10
C ARG A 43 6.92 14.80 -32.49
N GLY A 44 6.92 15.94 -33.18
CA GLY A 44 5.67 16.53 -33.61
C GLY A 44 5.01 17.43 -32.57
N MET A 45 5.70 17.70 -31.48
CA MET A 45 5.17 18.58 -30.44
C MET A 45 5.54 20.02 -30.80
N LEU A 46 4.74 20.61 -31.67
CA LEU A 46 4.98 21.97 -32.12
C LEU A 46 4.91 22.99 -31.00
N GLY A 47 5.96 23.79 -30.88
CA GLY A 47 6.02 24.82 -29.87
C GLY A 47 6.05 26.17 -30.56
N PHE A 48 5.45 27.18 -29.94
CA PHE A 48 5.41 28.52 -30.51
C PHE A 48 5.59 29.57 -29.42
N THR A 49 6.17 30.70 -29.80
CA THR A 49 6.37 31.80 -28.87
C THR A 49 5.95 33.07 -29.60
N GLY A 50 5.18 33.90 -28.90
CA GLY A 50 4.71 35.14 -29.49
C GLY A 50 4.31 36.08 -28.39
N THR A 51 3.36 36.97 -28.67
CA THR A 51 2.91 37.89 -27.66
C THR A 51 1.40 38.04 -27.66
N TYR A 52 0.87 38.34 -26.48
CA TYR A 52 -0.55 38.58 -26.30
C TYR A 52 -0.58 39.92 -25.60
N LYS A 53 -1.02 40.95 -26.31
CA LYS A 53 -1.07 42.31 -25.77
C LYS A 53 0.31 42.71 -25.27
N GLY A 54 1.33 42.46 -26.07
CA GLY A 54 2.69 42.81 -25.70
C GLY A 54 3.35 41.86 -24.72
N ARG A 55 2.56 40.97 -24.11
CA ARG A 55 3.09 40.02 -23.15
C ARG A 55 3.64 38.79 -23.86
N LYS A 56 4.92 38.47 -23.61
CA LYS A 56 5.54 37.31 -24.24
C LYS A 56 4.91 36.02 -23.70
N ILE A 57 4.51 35.13 -24.61
CA ILE A 57 3.89 33.87 -24.22
C ILE A 57 4.20 32.74 -25.19
N SER A 58 4.36 31.54 -24.66
CA SER A 58 4.63 30.36 -25.48
C SER A 58 3.50 29.35 -25.34
N VAL A 59 3.40 28.45 -26.32
CA VAL A 59 2.38 27.43 -26.30
C VAL A 59 2.93 26.17 -26.98
N MET A 60 2.69 25.01 -26.36
CA MET A 60 3.17 23.74 -26.88
C MET A 60 2.42 22.60 -26.18
N GLY A 61 1.97 21.61 -26.96
CA GLY A 61 1.25 20.49 -26.38
C GLY A 61 2.09 19.70 -25.40
N HIS A 62 1.43 18.96 -24.51
CA HIS A 62 2.16 18.17 -23.52
C HIS A 62 1.88 16.66 -23.62
N GLY A 63 1.18 16.25 -24.67
CA GLY A 63 0.85 14.85 -24.83
C GLY A 63 -0.18 14.39 -23.80
N VAL A 64 -0.62 13.14 -23.89
CA VAL A 64 -1.60 12.60 -22.96
C VAL A 64 -0.97 11.87 -21.77
N GLY A 65 -1.52 12.07 -20.58
CA GLY A 65 -1.02 11.38 -19.40
C GLY A 65 0.09 12.03 -18.58
N ILE A 66 0.12 11.66 -17.30
CA ILE A 66 1.12 12.19 -16.38
C ILE A 66 2.57 11.99 -16.81
N PRO A 67 2.92 10.80 -17.33
CA PRO A 67 4.31 10.58 -17.75
C PRO A 67 4.79 11.52 -18.87
N SER A 68 3.90 11.85 -19.79
CA SER A 68 4.25 12.73 -20.89
C SER A 68 4.40 14.19 -20.46
N CYS A 69 3.36 14.74 -19.82
CA CYS A 69 3.44 16.14 -19.40
C CYS A 69 4.50 16.39 -18.34
N SER A 70 4.91 15.32 -17.64
CA SER A 70 5.93 15.44 -16.60
C SER A 70 7.28 15.70 -17.25
N ILE A 71 7.48 15.15 -18.44
CA ILE A 71 8.73 15.33 -19.17
C ILE A 71 8.87 16.76 -19.65
N TYR A 72 7.86 17.24 -20.38
CA TYR A 72 7.90 18.59 -20.93
C TYR A 72 7.92 19.69 -19.87
N THR A 73 7.07 19.56 -18.86
CA THR A 73 7.03 20.57 -17.83
C THR A 73 8.39 20.66 -17.13
N LYS A 74 9.01 19.52 -16.87
CA LYS A 74 10.31 19.50 -16.22
C LYS A 74 11.37 20.22 -17.06
N GLU A 75 11.50 19.82 -18.33
CA GLU A 75 12.50 20.43 -19.19
C GLU A 75 12.25 21.94 -19.38
N LEU A 76 10.99 22.33 -19.51
CA LEU A 76 10.67 23.75 -19.65
C LEU A 76 11.12 24.49 -18.39
N ILE A 77 10.88 23.88 -17.22
CA ILE A 77 11.25 24.50 -15.94
C ILE A 77 12.77 24.59 -15.72
N THR A 78 13.47 23.48 -15.86
CA THR A 78 14.92 23.45 -15.60
C THR A 78 15.84 23.82 -16.75
N ASP A 79 15.36 23.73 -17.99
CA ASP A 79 16.24 24.04 -19.11
C ASP A 79 15.89 25.31 -19.87
N PHE A 80 14.66 25.79 -19.73
CA PHE A 80 14.26 27.00 -20.45
C PHE A 80 13.73 28.10 -19.54
N GLY A 81 14.01 27.98 -18.25
CA GLY A 81 13.59 28.97 -17.28
C GLY A 81 12.11 29.32 -17.19
N VAL A 82 11.23 28.40 -17.57
CA VAL A 82 9.82 28.69 -17.51
C VAL A 82 9.36 28.80 -16.05
N LYS A 83 8.56 29.81 -15.76
CA LYS A 83 8.05 30.08 -14.41
C LYS A 83 6.62 29.64 -14.16
N LYS A 84 5.77 29.76 -15.17
CA LYS A 84 4.37 29.36 -15.05
C LYS A 84 3.94 28.47 -16.18
N ILE A 85 3.16 27.45 -15.83
CA ILE A 85 2.65 26.51 -16.80
C ILE A 85 1.13 26.47 -16.62
N ILE A 86 0.40 26.67 -17.71
CA ILE A 86 -1.04 26.60 -17.64
C ILE A 86 -1.53 25.54 -18.62
N ARG A 87 -2.12 24.47 -18.09
CA ARG A 87 -2.65 23.42 -18.94
C ARG A 87 -4.09 23.78 -19.30
N VAL A 88 -4.41 23.73 -20.59
CA VAL A 88 -5.76 24.01 -21.05
C VAL A 88 -6.27 22.80 -21.81
N GLY A 89 -7.46 22.32 -21.43
CA GLY A 89 -8.01 21.15 -22.09
C GLY A 89 -9.42 20.86 -21.64
N SER A 90 -9.84 19.61 -21.72
CA SER A 90 -11.19 19.26 -21.31
C SER A 90 -11.20 18.16 -20.25
N CYS A 91 -12.39 17.88 -19.72
CA CYS A 91 -12.51 16.85 -18.69
C CYS A 91 -13.92 16.28 -18.65
N GLY A 92 -14.06 15.15 -17.97
CA GLY A 92 -15.35 14.52 -17.80
C GLY A 92 -15.82 14.86 -16.40
N ALA A 93 -17.12 14.98 -16.20
CA ALA A 93 -17.65 15.34 -14.90
C ALA A 93 -18.45 14.20 -14.27
N VAL A 94 -18.46 14.13 -12.95
CA VAL A 94 -19.21 13.09 -12.26
C VAL A 94 -20.35 13.67 -11.43
N LEU A 95 -20.32 15.00 -11.23
CA LEU A 95 -21.34 15.70 -10.44
C LEU A 95 -22.49 16.13 -11.33
N PRO A 96 -23.73 15.78 -10.94
CA PRO A 96 -24.92 16.14 -11.72
C PRO A 96 -25.08 17.63 -11.98
N HIS A 97 -24.62 18.47 -11.06
CA HIS A 97 -24.78 19.89 -11.25
C HIS A 97 -23.71 20.54 -12.13
N VAL A 98 -22.67 19.78 -12.47
CA VAL A 98 -21.62 20.30 -13.35
C VAL A 98 -22.06 19.93 -14.77
N LYS A 99 -22.29 20.95 -15.60
CA LYS A 99 -22.76 20.73 -16.95
C LYS A 99 -21.71 20.82 -18.05
N LEU A 100 -22.03 20.24 -19.21
CA LEU A 100 -21.17 20.26 -20.38
C LEU A 100 -20.86 21.72 -20.68
N ARG A 101 -19.60 22.00 -20.99
CA ARG A 101 -19.13 23.36 -21.29
C ARG A 101 -18.81 24.23 -20.08
N ASP A 102 -19.03 23.71 -18.87
CA ASP A 102 -18.69 24.49 -17.68
C ASP A 102 -17.17 24.59 -17.65
N VAL A 103 -16.66 25.66 -17.06
CA VAL A 103 -15.21 25.85 -16.95
C VAL A 103 -14.79 25.44 -15.54
N VAL A 104 -13.77 24.58 -15.46
CA VAL A 104 -13.27 24.10 -14.17
C VAL A 104 -11.80 24.49 -13.96
N ILE A 105 -11.52 25.09 -12.79
CA ILE A 105 -10.15 25.51 -12.43
C ILE A 105 -9.67 24.56 -11.33
N GLY A 106 -8.65 23.76 -11.64
CA GLY A 106 -8.13 22.82 -10.68
C GLY A 106 -7.25 23.37 -9.57
N MET A 107 -7.87 23.78 -8.47
CA MET A 107 -7.12 24.30 -7.34
C MET A 107 -6.30 23.14 -6.76
N GLY A 108 -6.86 21.94 -6.86
CA GLY A 108 -6.18 20.77 -6.36
C GLY A 108 -6.35 19.62 -7.34
N ALA A 109 -5.54 18.59 -7.20
CA ALA A 109 -5.66 17.45 -8.10
C ALA A 109 -5.39 16.11 -7.45
N CYS A 110 -6.44 15.29 -7.37
CA CYS A 110 -6.34 13.95 -6.82
C CYS A 110 -5.79 13.07 -7.94
N THR A 111 -5.35 11.87 -7.60
CA THR A 111 -4.82 10.98 -8.63
C THR A 111 -4.70 9.54 -8.13
N ASP A 112 -4.62 8.60 -9.07
CA ASP A 112 -4.44 7.20 -8.74
C ASP A 112 -3.05 6.79 -9.19
N SER A 113 -2.27 7.79 -9.58
CA SER A 113 -0.89 7.59 -10.02
C SER A 113 0.03 7.48 -8.78
N LYS A 114 1.23 6.97 -8.99
CA LYS A 114 2.16 6.81 -7.88
C LYS A 114 3.33 7.79 -7.94
N VAL A 115 3.35 8.66 -8.95
CA VAL A 115 4.47 9.58 -9.06
C VAL A 115 4.69 10.47 -7.85
N ASN A 116 3.62 10.98 -7.26
CA ASN A 116 3.78 11.85 -6.10
C ASN A 116 4.18 11.09 -4.84
N ARG A 117 3.74 9.84 -4.72
CA ARG A 117 4.12 9.04 -3.56
C ARG A 117 5.60 8.69 -3.68
N ILE A 118 6.08 8.53 -4.90
CA ILE A 118 7.48 8.23 -5.12
C ILE A 118 8.33 9.43 -4.72
N ARG A 119 7.77 10.63 -4.90
CA ARG A 119 8.47 11.86 -4.56
C ARG A 119 8.34 12.20 -3.06
N PHE A 120 7.21 11.85 -2.47
CA PHE A 120 6.92 12.20 -1.08
C PHE A 120 7.01 11.11 -0.01
N LYS A 121 7.95 10.17 -0.17
CA LYS A 121 8.14 9.10 0.80
C LYS A 121 6.88 8.27 1.04
N ASP A 122 6.13 8.01 -0.02
CA ASP A 122 4.90 7.24 0.06
C ASP A 122 3.83 7.84 0.99
N HIS A 123 3.88 9.15 1.18
CA HIS A 123 2.88 9.83 2.01
C HIS A 123 1.94 10.58 1.07
N ASP A 124 0.96 11.27 1.63
CA ASP A 124 0.01 12.02 0.81
C ASP A 124 0.49 13.42 0.47
N PHE A 125 0.78 13.65 -0.80
CA PHE A 125 1.19 14.98 -1.21
C PHE A 125 -0.03 15.67 -1.80
N ALA A 126 -0.37 16.83 -1.28
CA ALA A 126 -1.52 17.55 -1.82
C ALA A 126 -1.03 18.29 -3.07
N ALA A 127 -1.35 17.72 -4.24
CA ALA A 127 -0.96 18.30 -5.51
C ALA A 127 -1.85 19.52 -5.74
N ILE A 128 -1.29 20.71 -5.56
CA ILE A 128 -2.05 21.93 -5.73
C ILE A 128 -1.46 22.93 -6.74
N ALA A 129 -2.31 23.81 -7.24
CA ALA A 129 -1.90 24.82 -8.19
C ALA A 129 -1.39 26.02 -7.42
N ASP A 130 -0.85 27.01 -8.13
CA ASP A 130 -0.39 28.23 -7.47
C ASP A 130 -1.66 29.04 -7.20
N PHE A 131 -1.85 29.48 -5.95
CA PHE A 131 -3.04 30.24 -5.59
C PHE A 131 -3.31 31.50 -6.41
N ASP A 132 -2.29 32.34 -6.60
CA ASP A 132 -2.49 33.56 -7.38
C ASP A 132 -2.98 33.23 -8.80
N MET A 133 -2.42 32.18 -9.38
CA MET A 133 -2.84 31.78 -10.72
C MET A 133 -4.30 31.37 -10.75
N VAL A 134 -4.78 30.72 -9.67
CA VAL A 134 -6.17 30.31 -9.59
C VAL A 134 -7.08 31.54 -9.52
N ARG A 135 -6.72 32.48 -8.66
CA ARG A 135 -7.51 33.71 -8.50
C ARG A 135 -7.48 34.58 -9.75
N ASN A 136 -6.35 34.58 -10.46
CA ASN A 136 -6.25 35.36 -11.69
C ASN A 136 -7.21 34.75 -12.70
N ALA A 137 -7.18 33.42 -12.80
CA ALA A 137 -8.04 32.70 -13.73
C ALA A 137 -9.51 32.96 -13.43
N VAL A 138 -9.87 32.92 -12.15
CA VAL A 138 -11.26 33.15 -11.74
C VAL A 138 -11.70 34.57 -12.10
N ASP A 139 -10.88 35.55 -11.78
CA ASP A 139 -11.20 36.95 -12.06
C ASP A 139 -11.28 37.22 -13.57
N ALA A 140 -10.34 36.66 -14.33
CA ALA A 140 -10.36 36.85 -15.78
C ALA A 140 -11.65 36.25 -16.35
N ALA A 141 -12.04 35.10 -15.82
CA ALA A 141 -13.26 34.45 -16.27
C ALA A 141 -14.43 35.36 -15.97
N LYS A 142 -14.41 35.95 -14.78
CA LYS A 142 -15.46 36.84 -14.36
C LYS A 142 -15.57 38.02 -15.33
N ALA A 143 -14.42 38.61 -15.66
CA ALA A 143 -14.39 39.75 -16.57
C ALA A 143 -14.95 39.43 -17.94
N LEU A 144 -14.89 38.17 -18.35
CA LEU A 144 -15.42 37.78 -19.64
C LEU A 144 -16.86 37.29 -19.46
N GLY A 145 -17.40 37.51 -18.26
CA GLY A 145 -18.75 37.08 -17.99
C GLY A 145 -18.89 35.58 -17.83
N ILE A 146 -17.79 34.91 -17.50
CA ILE A 146 -17.82 33.47 -17.32
C ILE A 146 -17.89 33.04 -15.86
N ASP A 147 -18.75 32.07 -15.61
CA ASP A 147 -19.01 31.49 -14.30
C ASP A 147 -18.06 30.31 -14.07
N ALA A 148 -16.92 30.54 -13.44
CA ALA A 148 -15.95 29.47 -13.23
C ALA A 148 -16.08 28.67 -11.94
N ARG A 149 -15.92 27.36 -12.06
CA ARG A 149 -16.01 26.44 -10.93
C ARG A 149 -14.59 26.11 -10.45
N VAL A 150 -14.36 26.19 -9.14
CA VAL A 150 -13.03 25.93 -8.59
C VAL A 150 -13.01 24.83 -7.53
N GLY A 151 -12.13 23.84 -7.70
CA GLY A 151 -12.05 22.77 -6.73
C GLY A 151 -11.07 21.67 -7.12
N ASN A 152 -11.42 20.42 -6.82
CA ASN A 152 -10.55 19.30 -7.14
C ASN A 152 -10.79 18.66 -8.50
N LEU A 153 -9.70 18.25 -9.11
CA LEU A 153 -9.73 17.54 -10.38
C LEU A 153 -9.21 16.16 -9.98
N PHE A 154 -9.37 15.18 -10.86
CA PHE A 154 -8.86 13.84 -10.58
C PHE A 154 -8.05 13.47 -11.82
N SER A 155 -6.77 13.18 -11.63
CA SER A 155 -5.90 12.81 -12.75
C SER A 155 -5.77 11.30 -12.77
N ALA A 156 -6.41 10.67 -13.75
CA ALA A 156 -6.39 9.23 -13.86
C ALA A 156 -5.26 8.71 -14.74
N ASP A 157 -4.69 7.58 -14.36
CA ASP A 157 -3.63 6.99 -15.17
C ASP A 157 -4.32 6.19 -16.27
N LEU A 158 -5.47 5.61 -15.95
CA LEU A 158 -6.20 4.81 -16.94
C LEU A 158 -7.53 5.43 -17.35
N PHE A 159 -7.63 5.80 -18.63
CA PHE A 159 -8.84 6.38 -19.18
C PHE A 159 -9.92 5.29 -19.14
N TYR A 160 -9.51 4.04 -19.32
CA TYR A 160 -10.42 2.90 -19.27
C TYR A 160 -10.13 2.13 -18.00
N SER A 161 -10.60 2.65 -16.88
CA SER A 161 -10.38 2.03 -15.58
C SER A 161 -11.24 0.81 -15.31
N PRO A 162 -10.67 -0.20 -14.63
CA PRO A 162 -11.35 -1.44 -14.27
C PRO A 162 -12.33 -1.20 -13.12
N ASP A 163 -12.01 -0.24 -12.27
CA ASP A 163 -12.82 0.09 -11.12
C ASP A 163 -13.80 1.22 -11.41
N GLY A 164 -14.92 0.88 -12.01
CA GLY A 164 -15.92 1.89 -12.33
C GLY A 164 -16.49 2.55 -11.10
N GLU A 165 -16.40 1.86 -9.97
CA GLU A 165 -16.93 2.35 -8.71
C GLU A 165 -16.20 3.60 -8.18
N MET A 166 -14.94 3.77 -8.58
CA MET A 166 -14.18 4.94 -8.14
C MET A 166 -14.85 6.24 -8.54
N PHE A 167 -15.63 6.23 -9.61
CA PHE A 167 -16.31 7.45 -10.05
C PHE A 167 -17.37 7.87 -9.05
N ASP A 168 -17.93 6.89 -8.33
CA ASP A 168 -18.93 7.17 -7.32
C ASP A 168 -18.22 7.86 -6.16
N VAL A 169 -17.03 7.34 -5.82
CA VAL A 169 -16.23 7.91 -4.75
C VAL A 169 -15.83 9.34 -5.10
N MET A 170 -15.43 9.56 -6.35
CA MET A 170 -15.06 10.89 -6.81
C MET A 170 -16.23 11.85 -6.63
N GLU A 171 -17.43 11.40 -7.01
CA GLU A 171 -18.61 12.23 -6.87
C GLU A 171 -18.87 12.57 -5.40
N LYS A 172 -18.77 11.57 -4.53
CA LYS A 172 -18.99 11.77 -3.10
C LYS A 172 -18.05 12.80 -2.48
N TYR A 173 -16.83 12.90 -3.03
CA TYR A 173 -15.87 13.85 -2.48
C TYR A 173 -15.75 15.14 -3.26
N GLY A 174 -16.77 15.43 -4.07
CA GLY A 174 -16.82 16.66 -4.83
C GLY A 174 -15.85 16.92 -5.97
N ILE A 175 -15.28 15.88 -6.57
CA ILE A 175 -14.38 16.11 -7.69
C ILE A 175 -15.16 16.80 -8.82
N LEU A 176 -14.63 17.91 -9.33
CA LEU A 176 -15.28 18.67 -10.39
C LEU A 176 -15.00 18.14 -11.78
N GLY A 177 -13.79 17.65 -12.01
CA GLY A 177 -13.47 17.14 -13.33
C GLY A 177 -12.47 16.00 -13.31
N VAL A 178 -12.60 15.15 -14.32
CA VAL A 178 -11.71 14.01 -14.46
C VAL A 178 -10.87 14.19 -15.72
N GLU A 179 -9.56 14.23 -15.55
CA GLU A 179 -8.66 14.37 -16.66
C GLU A 179 -7.43 13.49 -16.42
N MET A 180 -6.29 13.79 -17.05
CA MET A 180 -5.13 12.92 -16.87
C MET A 180 -3.77 13.59 -16.73
N GLU A 181 -3.72 14.83 -16.25
CA GLU A 181 -2.42 15.50 -16.14
C GLU A 181 -2.17 16.35 -14.90
N ALA A 182 -3.18 17.12 -14.48
CA ALA A 182 -3.07 18.02 -13.35
C ALA A 182 -2.13 17.60 -12.21
N ALA A 183 -2.44 16.47 -11.55
CA ALA A 183 -1.61 15.99 -10.44
C ALA A 183 -0.15 15.84 -10.82
N GLY A 184 0.09 15.47 -12.07
CA GLY A 184 1.45 15.29 -12.55
C GLY A 184 2.17 16.61 -12.71
N ILE A 185 1.48 17.58 -13.31
CA ILE A 185 2.06 18.89 -13.52
C ILE A 185 2.27 19.61 -12.19
N TYR A 186 1.32 19.46 -11.27
CA TYR A 186 1.45 20.11 -9.98
C TYR A 186 2.62 19.54 -9.20
N GLY A 187 2.87 18.24 -9.41
CA GLY A 187 3.96 17.57 -8.74
C GLY A 187 5.30 18.12 -9.22
N VAL A 188 5.44 18.20 -10.54
CA VAL A 188 6.66 18.72 -11.15
C VAL A 188 6.91 20.16 -10.71
N ALA A 189 5.87 20.99 -10.78
CA ALA A 189 6.00 22.38 -10.38
C ALA A 189 6.55 22.46 -8.96
N ALA A 190 6.04 21.61 -8.08
CA ALA A 190 6.48 21.61 -6.68
C ALA A 190 7.92 21.11 -6.54
N GLU A 191 8.27 20.11 -7.34
CA GLU A 191 9.61 19.55 -7.29
C GLU A 191 10.69 20.54 -7.76
N PHE A 192 10.39 21.34 -8.77
CA PHE A 192 11.37 22.29 -9.28
C PHE A 192 11.08 23.76 -9.03
N GLY A 193 10.30 24.03 -7.99
CA GLY A 193 9.99 25.39 -7.61
C GLY A 193 9.32 26.34 -8.59
N ALA A 194 8.34 25.86 -9.35
CA ALA A 194 7.63 26.72 -10.30
C ALA A 194 6.13 26.76 -10.01
N LYS A 195 5.37 27.43 -10.86
CA LYS A 195 3.92 27.54 -10.67
C LYS A 195 3.13 26.91 -11.80
N ALA A 196 2.01 26.30 -11.45
CA ALA A 196 1.18 25.65 -12.45
C ALA A 196 -0.30 25.78 -12.13
N LEU A 197 -1.11 25.61 -13.17
CA LEU A 197 -2.56 25.68 -13.06
C LEU A 197 -3.15 24.91 -14.23
N THR A 198 -4.24 24.22 -13.96
CA THR A 198 -4.92 23.46 -14.99
C THR A 198 -6.32 24.02 -15.10
N ILE A 199 -6.75 24.26 -16.33
CA ILE A 199 -8.08 24.80 -16.61
C ILE A 199 -8.72 23.84 -17.62
N CYS A 200 -9.91 23.35 -17.30
CA CYS A 200 -10.62 22.42 -18.18
C CYS A 200 -12.07 22.82 -18.41
N THR A 201 -12.58 22.46 -19.57
CA THR A 201 -13.98 22.70 -19.89
C THR A 201 -14.62 21.31 -19.88
N VAL A 202 -15.79 21.18 -19.27
CA VAL A 202 -16.46 19.89 -19.20
C VAL A 202 -16.82 19.40 -20.60
N SER A 203 -16.20 18.28 -20.98
CA SER A 203 -16.39 17.68 -22.28
C SER A 203 -17.50 16.65 -22.32
N ASP A 204 -17.81 16.04 -21.18
CA ASP A 204 -18.86 15.04 -21.12
C ASP A 204 -19.13 14.56 -19.71
N HIS A 205 -20.24 13.84 -19.55
CA HIS A 205 -20.65 13.30 -18.27
C HIS A 205 -20.26 11.84 -18.18
N ILE A 206 -20.26 11.31 -16.97
CA ILE A 206 -19.93 9.90 -16.75
C ILE A 206 -21.16 9.22 -16.12
N ARG A 207 -22.33 9.69 -16.57
CA ARG A 207 -23.64 9.19 -16.13
C ARG A 207 -24.47 8.95 -17.40
N THR A 208 -24.88 10.05 -18.04
CA THR A 208 -25.66 10.01 -19.27
C THR A 208 -24.80 10.71 -20.32
N HIS A 209 -25.31 11.79 -20.93
CA HIS A 209 -24.55 12.54 -21.94
C HIS A 209 -25.37 13.57 -22.71
N GLU A 210 -25.01 14.85 -22.55
CA GLU A 210 -25.69 15.95 -23.24
C GLU A 210 -25.21 16.04 -24.69
N GLN A 211 -26.07 16.54 -25.57
CA GLN A 211 -25.72 16.64 -26.99
C GLN A 211 -25.75 18.09 -27.49
N THR A 212 -24.65 18.52 -28.10
CA THR A 212 -24.55 19.88 -28.62
C THR A 212 -23.91 19.90 -30.02
N THR A 213 -23.07 20.91 -30.28
CA THR A 213 -22.41 21.04 -31.57
C THR A 213 -21.03 21.69 -31.40
N ALA A 214 -20.17 21.51 -32.40
CA ALA A 214 -18.83 22.06 -32.38
C ALA A 214 -18.91 23.59 -32.35
N ALA A 215 -20.08 24.12 -32.71
CA ALA A 215 -20.31 25.56 -32.71
C ALA A 215 -20.34 26.04 -31.26
N GLU A 216 -20.79 25.16 -30.37
CA GLU A 216 -20.87 25.46 -28.95
C GLU A 216 -19.60 24.99 -28.22
N ARG A 217 -18.56 24.72 -29.01
CA ARG A 217 -17.29 24.26 -28.48
C ARG A 217 -16.18 25.19 -28.96
N GLN A 218 -16.34 25.72 -30.17
CA GLN A 218 -15.36 26.62 -30.76
C GLN A 218 -14.96 27.76 -29.83
N THR A 219 -15.90 28.67 -29.56
CA THR A 219 -15.63 29.82 -28.70
C THR A 219 -15.64 29.46 -27.20
N THR A 220 -16.22 28.32 -26.83
CA THR A 220 -16.15 27.93 -25.43
C THR A 220 -14.67 27.60 -25.26
N PHE A 221 -14.10 26.91 -26.26
CA PHE A 221 -12.68 26.60 -26.21
C PHE A 221 -11.90 27.90 -26.27
N ASN A 222 -12.32 28.81 -27.15
CA ASN A 222 -11.67 30.11 -27.26
C ASN A 222 -11.80 30.87 -25.95
N ASP A 223 -12.91 30.68 -25.25
CA ASP A 223 -13.16 31.34 -23.97
C ASP A 223 -12.11 30.89 -22.96
N MET A 224 -11.82 29.59 -22.95
CA MET A 224 -10.84 29.02 -22.04
C MET A 224 -9.45 29.59 -22.31
N ILE A 225 -9.06 29.65 -23.57
CA ILE A 225 -7.75 30.20 -23.91
C ILE A 225 -7.69 31.66 -23.51
N LYS A 226 -8.81 32.36 -23.71
CA LYS A 226 -8.90 33.78 -23.37
C LYS A 226 -8.71 33.93 -21.86
N ILE A 227 -9.36 33.05 -21.09
CA ILE A 227 -9.24 33.07 -19.63
C ILE A 227 -7.78 32.87 -19.25
N ALA A 228 -7.15 31.85 -19.84
CA ALA A 228 -5.75 31.57 -19.53
C ALA A 228 -4.87 32.76 -19.84
N LEU A 229 -5.05 33.32 -21.02
CA LEU A 229 -4.24 34.46 -21.43
C LEU A 229 -4.46 35.73 -20.61
N GLU A 230 -5.73 36.05 -20.32
CA GLU A 230 -6.03 37.24 -19.53
C GLU A 230 -5.59 37.05 -18.09
N SER A 231 -5.58 35.80 -17.62
CA SER A 231 -5.17 35.52 -16.25
C SER A 231 -3.70 35.83 -16.06
N VAL A 232 -2.89 35.59 -17.09
CA VAL A 232 -1.46 35.87 -17.03
C VAL A 232 -1.24 37.38 -16.84
N LEU A 233 -2.01 38.16 -17.60
CA LEU A 233 -1.93 39.63 -17.52
C LEU A 233 -2.29 40.14 -16.13
N LEU A 234 -3.29 39.53 -15.50
CA LEU A 234 -3.68 39.93 -14.16
C LEU A 234 -2.57 39.54 -13.20
N GLY A 235 -1.90 38.44 -13.52
CA GLY A 235 -0.81 37.98 -12.67
C GLY A 235 0.34 38.94 -12.69
N ASP A 236 0.57 39.59 -13.83
CA ASP A 236 1.67 40.54 -13.99
C ASP A 236 1.33 41.85 -13.30
N LYS A 237 0.03 42.16 -13.22
CA LYS A 237 -0.44 43.38 -12.57
C LYS A 237 -0.71 43.12 -11.09
N ALA B 1 28.96 -27.02 3.55
CA ALA B 1 27.61 -27.27 4.01
C ALA B 1 26.95 -25.97 4.46
N THR B 2 25.66 -25.84 4.21
CA THR B 2 24.91 -24.65 4.59
C THR B 2 23.88 -25.05 5.64
N PRO B 3 23.24 -24.08 6.31
CA PRO B 3 22.24 -24.36 7.33
C PRO B 3 21.22 -25.45 7.04
N HIS B 4 20.66 -25.48 5.84
CA HIS B 4 19.64 -26.47 5.52
C HIS B 4 20.07 -27.58 4.57
N ILE B 5 21.32 -27.54 4.12
CA ILE B 5 21.83 -28.57 3.24
C ILE B 5 23.15 -29.11 3.74
N ASN B 6 23.14 -30.37 4.15
CA ASN B 6 24.35 -31.02 4.65
C ASN B 6 25.03 -31.78 3.54
N ALA B 7 25.75 -31.05 2.69
CA ALA B 7 26.47 -31.63 1.57
C ALA B 7 27.68 -30.75 1.30
N GLU B 8 28.45 -31.10 0.28
CA GLU B 8 29.63 -30.31 -0.05
C GLU B 8 29.62 -29.98 -1.53
N MET B 9 30.36 -28.94 -1.91
CA MET B 9 30.44 -28.52 -3.29
C MET B 9 30.76 -29.74 -4.15
N GLY B 10 30.00 -29.93 -5.21
CA GLY B 10 30.23 -31.06 -6.08
C GLY B 10 29.18 -32.14 -5.95
N ASP B 11 28.56 -32.25 -4.77
CA ASP B 11 27.54 -33.25 -4.54
C ASP B 11 26.30 -33.04 -5.39
N PHE B 12 26.07 -31.80 -5.85
CA PHE B 12 24.94 -31.48 -6.70
C PHE B 12 25.41 -31.16 -8.11
N ALA B 13 24.54 -31.39 -9.08
CA ALA B 13 24.84 -31.09 -10.47
C ALA B 13 24.58 -29.58 -10.64
N ASP B 14 24.99 -29.00 -11.76
CA ASP B 14 24.76 -27.58 -11.96
C ASP B 14 23.31 -27.32 -12.36
N VAL B 15 22.54 -28.39 -12.48
CA VAL B 15 21.13 -28.29 -12.82
C VAL B 15 20.36 -29.09 -11.77
N VAL B 16 19.35 -28.47 -11.18
CA VAL B 16 18.56 -29.14 -10.16
C VAL B 16 17.06 -29.09 -10.39
N LEU B 17 16.42 -30.25 -10.44
CA LEU B 17 14.97 -30.31 -10.61
C LEU B 17 14.44 -30.30 -9.19
N MET B 18 13.37 -29.53 -8.95
CA MET B 18 12.83 -29.45 -7.61
C MET B 18 11.33 -29.56 -7.45
N PRO B 19 10.86 -30.70 -6.93
CA PRO B 19 9.43 -30.88 -6.71
C PRO B 19 9.14 -30.28 -5.33
N GLY B 20 7.87 -30.07 -5.01
CA GLY B 20 7.55 -29.52 -3.70
C GLY B 20 7.74 -30.56 -2.61
N ASP B 21 7.31 -31.78 -2.91
CA ASP B 21 7.37 -32.90 -1.98
C ASP B 21 8.68 -33.70 -2.04
N PRO B 22 9.42 -33.76 -0.93
CA PRO B 22 10.69 -34.50 -0.88
C PRO B 22 10.54 -35.97 -1.29
N LEU B 23 9.40 -36.56 -0.98
CA LEU B 23 9.15 -37.95 -1.35
C LEU B 23 9.08 -38.03 -2.86
N ARG B 24 8.71 -36.92 -3.48
CA ARG B 24 8.61 -36.87 -4.93
C ARG B 24 10.02 -36.81 -5.54
N ALA B 25 10.97 -36.29 -4.77
CA ALA B 25 12.36 -36.21 -5.23
C ALA B 25 12.92 -37.62 -5.36
N LYS B 26 12.66 -38.44 -4.35
CA LYS B 26 13.13 -39.83 -4.34
C LYS B 26 12.48 -40.58 -5.48
N TYR B 27 11.19 -40.30 -5.72
CA TYR B 27 10.46 -40.93 -6.80
C TYR B 27 11.12 -40.61 -8.13
N ILE B 28 11.48 -39.35 -8.33
CA ILE B 28 12.12 -38.90 -9.55
C ILE B 28 13.50 -39.51 -9.73
N ALA B 29 14.26 -39.60 -8.65
CA ALA B 29 15.60 -40.16 -8.72
C ALA B 29 15.57 -41.65 -9.05
N GLU B 30 14.60 -42.37 -8.47
CA GLU B 30 14.46 -43.80 -8.68
C GLU B 30 13.90 -44.13 -10.06
N THR B 31 13.08 -43.24 -10.60
CA THR B 31 12.46 -43.46 -11.89
C THR B 31 13.25 -43.03 -13.12
N PHE B 32 13.96 -41.91 -13.05
CA PHE B 32 14.69 -41.43 -14.23
C PHE B 32 16.20 -41.35 -14.15
N LEU B 33 16.75 -41.34 -12.95
CA LEU B 33 18.19 -41.23 -12.80
C LEU B 33 18.90 -42.57 -12.59
N GLU B 34 20.09 -42.68 -13.18
CA GLU B 34 20.90 -43.89 -13.05
C GLU B 34 21.93 -43.62 -11.97
N ASP B 35 22.18 -44.62 -11.12
CA ASP B 35 23.17 -44.49 -10.06
C ASP B 35 22.96 -43.25 -9.19
N ALA B 36 21.71 -43.04 -8.75
CA ALA B 36 21.38 -41.89 -7.93
C ALA B 36 21.78 -42.07 -6.47
N ARG B 37 22.59 -41.15 -5.97
CA ARG B 37 23.03 -41.19 -4.58
C ARG B 37 22.35 -40.06 -3.80
N GLU B 38 21.93 -40.35 -2.58
CA GLU B 38 21.30 -39.35 -1.73
C GLU B 38 22.38 -38.37 -1.27
N VAL B 39 22.19 -37.07 -1.49
CA VAL B 39 23.19 -36.09 -1.08
C VAL B 39 22.76 -35.15 0.03
N ASN B 40 21.54 -35.30 0.53
CA ASN B 40 21.06 -34.46 1.62
C ASN B 40 19.78 -34.99 2.25
N ASN B 41 19.70 -34.88 3.57
CA ASN B 41 18.53 -35.34 4.30
C ASN B 41 18.13 -34.41 5.46
N VAL B 42 18.81 -33.27 5.56
CA VAL B 42 18.48 -32.31 6.62
C VAL B 42 17.01 -31.92 6.56
N ARG B 43 16.32 -32.08 7.69
CA ARG B 43 14.89 -31.77 7.79
C ARG B 43 14.05 -32.67 6.89
N GLY B 44 14.64 -33.78 6.45
CA GLY B 44 13.92 -34.71 5.60
C GLY B 44 13.73 -34.21 4.18
N MET B 45 14.40 -33.11 3.83
CA MET B 45 14.28 -32.56 2.49
C MET B 45 15.27 -33.29 1.59
N LEU B 46 14.89 -34.51 1.20
CA LEU B 46 15.70 -35.40 0.38
C LEU B 46 16.26 -34.82 -0.92
N GLY B 47 17.57 -34.95 -1.09
CA GLY B 47 18.24 -34.48 -2.29
C GLY B 47 18.97 -35.64 -2.93
N PHE B 48 18.98 -35.70 -4.26
CA PHE B 48 19.63 -36.79 -4.97
C PHE B 48 20.41 -36.35 -6.20
N THR B 49 21.46 -37.10 -6.53
CA THR B 49 22.27 -36.79 -7.69
C THR B 49 22.54 -38.08 -8.47
N GLY B 50 22.35 -38.01 -9.78
CA GLY B 50 22.58 -39.16 -10.64
C GLY B 50 22.77 -38.69 -12.06
N THR B 51 22.50 -39.56 -13.04
CA THR B 51 22.67 -39.16 -14.42
C THR B 51 21.47 -39.52 -15.27
N TYR B 52 21.16 -38.64 -16.21
CA TYR B 52 20.08 -38.87 -17.15
C TYR B 52 20.74 -38.89 -18.50
N LYS B 53 20.69 -40.04 -19.16
CA LYS B 53 21.31 -40.21 -20.47
C LYS B 53 22.73 -39.66 -20.47
N GLY B 54 23.48 -39.98 -19.42
CA GLY B 54 24.85 -39.55 -19.33
C GLY B 54 25.09 -38.19 -18.70
N ARG B 55 24.05 -37.37 -18.58
CA ARG B 55 24.21 -36.04 -17.98
C ARG B 55 24.00 -36.03 -16.48
N LYS B 56 24.92 -35.40 -15.76
CA LYS B 56 24.82 -35.31 -14.31
C LYS B 56 23.63 -34.40 -13.97
N ILE B 57 22.70 -34.93 -13.17
CA ILE B 57 21.50 -34.20 -12.78
C ILE B 57 21.20 -34.41 -11.30
N SER B 58 20.59 -33.40 -10.68
CA SER B 58 20.23 -33.49 -9.28
C SER B 58 18.73 -33.19 -9.14
N VAL B 59 18.12 -33.69 -8.08
CA VAL B 59 16.70 -33.44 -7.82
C VAL B 59 16.56 -33.34 -6.32
N MET B 60 15.79 -32.36 -5.85
CA MET B 60 15.61 -32.17 -4.42
C MET B 60 14.35 -31.36 -4.11
N GLY B 61 13.61 -31.78 -3.09
CA GLY B 61 12.40 -31.07 -2.71
C GLY B 61 12.69 -29.67 -2.21
N HIS B 62 11.74 -28.75 -2.35
CA HIS B 62 11.92 -27.40 -1.88
C HIS B 62 10.89 -26.99 -0.83
N GLY B 63 10.05 -27.92 -0.42
CA GLY B 63 9.04 -27.62 0.57
C GLY B 63 7.93 -26.77 0.02
N VAL B 64 6.94 -26.47 0.84
CA VAL B 64 5.80 -25.68 0.40
C VAL B 64 5.98 -24.20 0.70
N GLY B 65 5.72 -23.36 -0.30
CA GLY B 65 5.81 -21.92 -0.10
C GLY B 65 7.07 -21.19 -0.51
N ILE B 66 6.90 -19.92 -0.86
CA ILE B 66 8.00 -19.06 -1.28
C ILE B 66 9.12 -18.99 -0.26
N PRO B 67 8.78 -18.81 1.03
CA PRO B 67 9.81 -18.73 2.08
C PRO B 67 10.71 -19.98 2.12
N SER B 68 10.10 -21.14 1.92
CA SER B 68 10.82 -22.40 1.94
C SER B 68 11.72 -22.58 0.73
N CYS B 69 11.14 -22.54 -0.47
CA CYS B 69 11.94 -22.72 -1.67
C CYS B 69 12.99 -21.62 -1.85
N SER B 70 12.75 -20.43 -1.28
CA SER B 70 13.71 -19.33 -1.39
C SER B 70 15.01 -19.68 -0.68
N ILE B 71 14.90 -20.41 0.43
CA ILE B 71 16.08 -20.80 1.18
C ILE B 71 16.91 -21.82 0.43
N TYR B 72 16.27 -22.89 -0.05
CA TYR B 72 16.98 -23.94 -0.77
C TYR B 72 17.60 -23.52 -2.09
N THR B 73 16.85 -22.82 -2.93
CA THR B 73 17.39 -22.38 -4.22
C THR B 73 18.54 -21.43 -3.99
N LYS B 74 18.43 -20.56 -3.00
CA LYS B 74 19.48 -19.61 -2.69
C LYS B 74 20.78 -20.31 -2.26
N GLU B 75 20.65 -21.33 -1.41
CA GLU B 75 21.84 -22.05 -0.95
C GLU B 75 22.44 -22.88 -2.09
N LEU B 76 21.58 -23.43 -2.94
CA LEU B 76 22.06 -24.23 -4.08
C LEU B 76 22.88 -23.37 -5.03
N ILE B 77 22.41 -22.15 -5.28
CA ILE B 77 23.08 -21.22 -6.19
C ILE B 77 24.37 -20.58 -5.64
N THR B 78 24.33 -20.11 -4.40
CA THR B 78 25.50 -19.45 -3.82
C THR B 78 26.53 -20.35 -3.15
N ASP B 79 26.18 -21.61 -2.92
CA ASP B 79 27.13 -22.51 -2.27
C ASP B 79 27.39 -23.85 -2.94
N PHE B 80 26.59 -24.23 -3.93
CA PHE B 80 26.81 -25.50 -4.61
C PHE B 80 26.98 -25.33 -6.11
N GLY B 81 27.25 -24.10 -6.52
CA GLY B 81 27.47 -23.81 -7.93
C GLY B 81 26.34 -24.18 -8.88
N VAL B 82 25.13 -24.29 -8.36
CA VAL B 82 24.00 -24.63 -9.22
C VAL B 82 23.70 -23.43 -10.12
N LYS B 83 23.58 -23.69 -11.42
CA LYS B 83 23.32 -22.61 -12.37
C LYS B 83 21.90 -22.60 -12.92
N LYS B 84 21.19 -23.73 -12.77
CA LYS B 84 19.81 -23.84 -13.24
C LYS B 84 18.92 -24.60 -12.26
N ILE B 85 17.71 -24.10 -12.07
CA ILE B 85 16.76 -24.75 -11.20
C ILE B 85 15.44 -24.86 -11.95
N ILE B 86 14.90 -26.07 -12.00
CA ILE B 86 13.63 -26.30 -12.67
C ILE B 86 12.64 -26.85 -11.66
N ARG B 87 11.63 -26.07 -11.32
CA ARG B 87 10.63 -26.55 -10.38
C ARG B 87 9.67 -27.41 -11.18
N VAL B 88 9.36 -28.60 -10.67
CA VAL B 88 8.43 -29.50 -11.33
C VAL B 88 7.33 -29.83 -10.33
N GLY B 89 6.18 -29.19 -10.48
CA GLY B 89 5.10 -29.45 -9.55
C GLY B 89 3.72 -29.49 -10.15
N SER B 90 2.72 -29.23 -9.32
CA SER B 90 1.34 -29.23 -9.77
C SER B 90 0.70 -27.92 -9.41
N CYS B 91 -0.32 -27.54 -10.16
CA CYS B 91 -1.00 -26.28 -9.91
C CYS B 91 -2.49 -26.45 -10.09
N GLY B 92 -3.27 -25.49 -9.61
CA GLY B 92 -4.72 -25.54 -9.75
C GLY B 92 -5.07 -24.63 -10.91
N ALA B 93 -6.07 -25.01 -11.69
CA ALA B 93 -6.46 -24.20 -12.85
C ALA B 93 -7.57 -23.21 -12.51
N VAL B 94 -7.62 -22.10 -13.26
CA VAL B 94 -8.64 -21.10 -13.03
C VAL B 94 -9.40 -20.84 -14.34
N LEU B 95 -8.73 -21.06 -15.47
CA LEU B 95 -9.32 -20.86 -16.79
C LEU B 95 -10.03 -22.12 -17.27
N PRO B 96 -11.27 -21.99 -17.76
CA PRO B 96 -12.06 -23.12 -18.25
C PRO B 96 -11.39 -23.96 -19.35
N HIS B 97 -10.63 -23.33 -20.23
CA HIS B 97 -9.97 -24.06 -21.31
C HIS B 97 -8.75 -24.85 -20.86
N VAL B 98 -8.24 -24.56 -19.66
CA VAL B 98 -7.09 -25.28 -19.11
C VAL B 98 -7.63 -26.57 -18.50
N LYS B 99 -7.33 -27.69 -19.13
CA LYS B 99 -7.83 -28.99 -18.66
C LYS B 99 -6.85 -29.73 -17.78
N LEU B 100 -7.31 -30.86 -17.24
CA LEU B 100 -6.48 -31.70 -16.39
C LEU B 100 -5.41 -32.35 -17.25
N ARG B 101 -4.22 -32.53 -16.68
CA ARG B 101 -3.10 -33.14 -17.38
C ARG B 101 -2.44 -32.21 -18.40
N ASP B 102 -2.84 -30.94 -18.42
CA ASP B 102 -2.22 -29.99 -19.34
C ASP B 102 -0.90 -29.62 -18.70
N VAL B 103 0.14 -29.43 -19.52
CA VAL B 103 1.44 -29.05 -18.99
C VAL B 103 1.60 -27.54 -19.11
N VAL B 104 1.80 -26.88 -17.97
CA VAL B 104 1.96 -25.43 -17.95
C VAL B 104 3.39 -25.05 -17.67
N ILE B 105 3.88 -24.05 -18.40
CA ILE B 105 5.24 -23.56 -18.24
C ILE B 105 5.14 -22.08 -17.90
N GLY B 106 5.57 -21.73 -16.69
CA GLY B 106 5.49 -20.35 -16.25
C GLY B 106 6.61 -19.44 -16.70
N MET B 107 6.42 -18.75 -17.82
CA MET B 107 7.46 -17.83 -18.26
C MET B 107 7.40 -16.62 -17.30
N GLY B 108 6.28 -16.49 -16.59
CA GLY B 108 6.11 -15.41 -15.64
C GLY B 108 5.33 -15.90 -14.42
N ALA B 109 5.46 -15.20 -13.31
CA ALA B 109 4.74 -15.59 -12.09
C ALA B 109 4.26 -14.42 -11.26
N CYS B 110 2.95 -14.27 -11.18
CA CYS B 110 2.34 -13.22 -10.38
C CYS B 110 2.41 -13.69 -8.94
N THR B 111 2.24 -12.79 -7.97
CA THR B 111 2.27 -13.21 -6.59
C THR B 111 1.53 -12.34 -5.59
N ASP B 112 1.29 -12.98 -4.45
CA ASP B 112 0.60 -12.47 -3.27
C ASP B 112 1.63 -11.99 -2.27
N SER B 113 2.81 -12.58 -2.37
CA SER B 113 3.91 -12.31 -1.48
C SER B 113 4.44 -10.89 -1.59
N LYS B 114 5.17 -10.47 -0.56
CA LYS B 114 5.77 -9.16 -0.52
C LYS B 114 7.28 -9.28 -0.72
N VAL B 115 7.77 -10.50 -0.96
CA VAL B 115 9.20 -10.69 -1.10
C VAL B 115 9.87 -9.92 -2.23
N ASN B 116 9.27 -9.90 -3.40
CA ASN B 116 9.91 -9.17 -4.49
C ASN B 116 9.83 -7.66 -4.30
N ARG B 117 8.81 -7.20 -3.58
CA ARG B 117 8.66 -5.77 -3.31
C ARG B 117 9.76 -5.34 -2.34
N ILE B 118 10.07 -6.20 -1.38
CA ILE B 118 11.14 -5.93 -0.42
C ILE B 118 12.44 -5.77 -1.21
N ARG B 119 12.60 -6.60 -2.24
CA ARG B 119 13.78 -6.57 -3.10
C ARG B 119 13.82 -5.40 -4.09
N PHE B 120 12.65 -5.10 -4.66
CA PHE B 120 12.56 -4.09 -5.71
C PHE B 120 12.07 -2.71 -5.30
N LYS B 121 12.43 -2.30 -4.08
CA LYS B 121 12.06 -1.00 -3.54
C LYS B 121 10.56 -0.71 -3.57
N ASP B 122 9.75 -1.73 -3.33
CA ASP B 122 8.30 -1.60 -3.30
C ASP B 122 7.64 -1.37 -4.66
N HIS B 123 8.37 -1.61 -5.75
CA HIS B 123 7.79 -1.44 -7.08
C HIS B 123 7.38 -2.81 -7.64
N ASP B 124 6.90 -2.85 -8.88
CA ASP B 124 6.50 -4.11 -9.48
C ASP B 124 7.66 -4.80 -10.18
N PHE B 125 8.11 -5.92 -9.62
CA PHE B 125 9.18 -6.67 -10.25
C PHE B 125 8.48 -7.80 -10.98
N ALA B 126 8.72 -7.90 -12.29
CA ALA B 126 8.11 -8.97 -13.08
C ALA B 126 8.95 -10.23 -12.93
N ALA B 127 8.50 -11.16 -12.09
CA ALA B 127 9.25 -12.40 -11.87
C ALA B 127 9.11 -13.29 -13.10
N ILE B 128 10.16 -13.35 -13.91
CA ILE B 128 10.15 -14.16 -15.12
C ILE B 128 11.18 -15.29 -15.11
N ALA B 129 10.93 -16.29 -15.94
CA ALA B 129 11.84 -17.42 -16.06
C ALA B 129 12.93 -17.06 -17.06
N ASP B 130 13.97 -17.87 -17.14
CA ASP B 130 15.03 -17.62 -18.10
C ASP B 130 14.44 -18.00 -19.47
N PHE B 131 14.59 -17.12 -20.45
CA PHE B 131 14.04 -17.37 -21.78
C PHE B 131 14.49 -18.69 -22.46
N ASP B 132 15.79 -18.99 -22.45
CA ASP B 132 16.28 -20.21 -23.09
C ASP B 132 15.73 -21.48 -22.46
N MET B 133 15.57 -21.47 -21.14
CA MET B 133 15.01 -22.62 -20.45
C MET B 133 13.55 -22.82 -20.83
N VAL B 134 12.84 -21.71 -21.05
CA VAL B 134 11.43 -21.82 -21.44
C VAL B 134 11.35 -22.46 -22.83
N ARG B 135 12.17 -21.95 -23.74
CA ARG B 135 12.18 -22.47 -25.10
C ARG B 135 12.64 -23.93 -25.16
N ASN B 136 13.64 -24.27 -24.36
CA ASN B 136 14.13 -25.65 -24.33
C ASN B 136 12.99 -26.57 -23.93
N ALA B 137 12.18 -26.14 -22.95
CA ALA B 137 11.06 -26.93 -22.46
C ALA B 137 9.95 -27.08 -23.49
N VAL B 138 9.65 -26.00 -24.20
CA VAL B 138 8.62 -26.03 -25.23
C VAL B 138 9.02 -27.04 -26.32
N ASP B 139 10.29 -26.98 -26.74
CA ASP B 139 10.78 -27.89 -27.78
C ASP B 139 10.84 -29.33 -27.32
N ALA B 140 11.24 -29.57 -26.08
CA ALA B 140 11.31 -30.93 -25.58
C ALA B 140 9.89 -31.49 -25.51
N ALA B 141 8.94 -30.66 -25.10
CA ALA B 141 7.55 -31.10 -25.01
C ALA B 141 7.03 -31.46 -26.41
N LYS B 142 7.35 -30.60 -27.37
CA LYS B 142 6.96 -30.80 -28.76
C LYS B 142 7.50 -32.14 -29.27
N ALA B 143 8.78 -32.37 -29.02
CA ALA B 143 9.42 -33.62 -29.45
C ALA B 143 8.70 -34.83 -28.84
N LEU B 144 8.10 -34.64 -27.68
CA LEU B 144 7.39 -35.70 -26.99
C LEU B 144 5.91 -35.77 -27.38
N GLY B 145 5.50 -34.90 -28.29
CA GLY B 145 4.12 -34.90 -28.72
C GLY B 145 3.18 -34.30 -27.69
N ILE B 146 3.70 -33.37 -26.88
CA ILE B 146 2.88 -32.72 -25.85
C ILE B 146 2.74 -31.22 -26.12
N ASP B 147 1.51 -30.73 -26.10
CA ASP B 147 1.23 -29.31 -26.32
C ASP B 147 1.32 -28.60 -24.97
N ALA B 148 2.38 -27.84 -24.75
CA ALA B 148 2.51 -27.14 -23.48
C ALA B 148 1.96 -25.72 -23.60
N ARG B 149 1.44 -25.19 -22.51
CA ARG B 149 0.91 -23.83 -22.53
C ARG B 149 1.92 -22.97 -21.78
N VAL B 150 2.26 -21.82 -22.37
CA VAL B 150 3.22 -20.91 -21.75
C VAL B 150 2.53 -19.61 -21.38
N GLY B 151 2.73 -19.18 -20.13
CA GLY B 151 2.12 -17.95 -19.68
C GLY B 151 2.38 -17.68 -18.22
N ASN B 152 1.42 -17.02 -17.58
CA ASN B 152 1.51 -16.66 -16.17
C ASN B 152 0.99 -17.69 -15.17
N LEU B 153 1.73 -17.83 -14.07
CA LEU B 153 1.33 -18.71 -12.98
C LEU B 153 1.04 -17.71 -11.86
N PHE B 154 0.35 -18.15 -10.82
CA PHE B 154 0.12 -17.27 -9.68
C PHE B 154 0.67 -17.98 -8.45
N SER B 155 1.62 -17.34 -7.77
CA SER B 155 2.23 -17.91 -6.57
C SER B 155 1.54 -17.34 -5.34
N ALA B 156 0.82 -18.18 -4.62
CA ALA B 156 0.08 -17.74 -3.44
C ALA B 156 0.78 -18.09 -2.13
N ASP B 157 0.58 -17.23 -1.12
CA ASP B 157 1.13 -17.44 0.21
C ASP B 157 0.11 -18.26 1.02
N LEU B 158 -1.17 -18.12 0.66
CA LEU B 158 -2.24 -18.83 1.36
C LEU B 158 -2.98 -19.81 0.48
N PHE B 159 -2.71 -21.10 0.70
CA PHE B 159 -3.37 -22.17 -0.04
C PHE B 159 -4.86 -22.07 0.28
N TYR B 160 -5.16 -21.68 1.52
CA TYR B 160 -6.53 -21.48 1.97
C TYR B 160 -6.69 -19.98 2.14
N SER B 161 -7.01 -19.28 1.05
CA SER B 161 -7.14 -17.83 1.11
C SER B 161 -8.52 -17.39 1.57
N PRO B 162 -8.57 -16.28 2.32
CA PRO B 162 -9.82 -15.71 2.84
C PRO B 162 -10.61 -14.93 1.80
N ASP B 163 -9.99 -14.63 0.67
CA ASP B 163 -10.65 -13.88 -0.40
C ASP B 163 -10.78 -14.70 -1.67
N GLY B 164 -11.94 -15.33 -1.85
CA GLY B 164 -12.16 -16.15 -3.03
C GLY B 164 -12.37 -15.34 -4.30
N GLU B 165 -12.37 -14.02 -4.16
CA GLU B 165 -12.56 -13.13 -5.30
C GLU B 165 -11.35 -13.08 -6.24
N MET B 166 -10.15 -13.30 -5.68
CA MET B 166 -8.93 -13.26 -6.48
C MET B 166 -8.94 -14.23 -7.64
N PHE B 167 -9.62 -15.36 -7.48
CA PHE B 167 -9.66 -16.36 -8.52
C PHE B 167 -10.28 -15.82 -9.80
N ASP B 168 -11.31 -14.98 -9.66
CA ASP B 168 -11.94 -14.40 -10.83
C ASP B 168 -10.95 -13.41 -11.47
N VAL B 169 -10.24 -12.66 -10.65
CA VAL B 169 -9.26 -11.71 -11.15
C VAL B 169 -8.18 -12.48 -11.91
N MET B 170 -7.69 -13.56 -11.31
CA MET B 170 -6.66 -14.39 -11.96
C MET B 170 -7.14 -14.91 -13.30
N GLU B 171 -8.40 -15.33 -13.35
CA GLU B 171 -8.98 -15.84 -14.58
C GLU B 171 -9.07 -14.74 -15.63
N LYS B 172 -9.58 -13.59 -15.21
CA LYS B 172 -9.72 -12.45 -16.11
C LYS B 172 -8.40 -12.04 -16.75
N TYR B 173 -7.32 -12.07 -15.97
CA TYR B 173 -6.02 -11.67 -16.49
C TYR B 173 -5.20 -12.81 -17.08
N GLY B 174 -5.86 -13.95 -17.27
CA GLY B 174 -5.24 -15.10 -17.90
C GLY B 174 -4.24 -15.97 -17.18
N ILE B 175 -4.29 -16.05 -15.86
CA ILE B 175 -3.34 -16.90 -15.16
C ILE B 175 -3.65 -18.34 -15.54
N LEU B 176 -2.61 -19.09 -15.92
CA LEU B 176 -2.77 -20.48 -16.34
C LEU B 176 -2.83 -21.47 -15.19
N GLY B 177 -2.17 -21.15 -14.08
CA GLY B 177 -2.18 -22.05 -12.95
C GLY B 177 -1.84 -21.38 -11.64
N VAL B 178 -2.34 -21.95 -10.56
CA VAL B 178 -2.09 -21.40 -9.24
C VAL B 178 -1.23 -22.38 -8.44
N GLU B 179 -0.10 -21.89 -7.96
CA GLU B 179 0.76 -22.71 -7.14
C GLU B 179 1.36 -21.83 -6.04
N MET B 180 2.49 -22.20 -5.47
CA MET B 180 3.02 -21.41 -4.37
C MET B 180 4.51 -21.13 -4.33
N GLU B 181 5.21 -21.26 -5.45
CA GLU B 181 6.65 -21.04 -5.40
C GLU B 181 7.32 -20.24 -6.52
N ALA B 182 6.81 -20.37 -7.73
CA ALA B 182 7.41 -19.70 -8.89
C ALA B 182 7.94 -18.29 -8.67
N ALA B 183 7.09 -17.38 -8.19
CA ALA B 183 7.50 -16.00 -7.97
C ALA B 183 8.66 -15.89 -7.00
N GLY B 184 8.72 -16.82 -6.04
CA GLY B 184 9.79 -16.81 -5.08
C GLY B 184 11.09 -17.26 -5.72
N ILE B 185 11.02 -18.36 -6.46
CA ILE B 185 12.20 -18.92 -7.13
C ILE B 185 12.76 -17.96 -8.19
N TYR B 186 11.87 -17.28 -8.92
CA TYR B 186 12.32 -16.34 -9.95
C TYR B 186 12.94 -15.11 -9.30
N GLY B 187 12.48 -14.77 -8.09
CA GLY B 187 13.04 -13.62 -7.40
C GLY B 187 14.48 -13.95 -7.00
N VAL B 188 14.65 -15.12 -6.40
CA VAL B 188 15.98 -15.59 -6.00
C VAL B 188 16.94 -15.68 -7.19
N ALA B 189 16.47 -16.27 -8.29
CA ALA B 189 17.31 -16.42 -9.48
C ALA B 189 17.84 -15.07 -9.97
N ALA B 190 16.99 -14.05 -9.93
CA ALA B 190 17.41 -12.73 -10.37
C ALA B 190 18.36 -12.10 -9.35
N GLU B 191 18.07 -12.29 -8.07
CA GLU B 191 18.92 -11.71 -7.02
C GLU B 191 20.34 -12.28 -6.99
N PHE B 192 20.49 -13.56 -7.27
CA PHE B 192 21.82 -14.17 -7.22
C PHE B 192 22.40 -14.55 -8.57
N GLY B 193 21.82 -14.01 -9.63
CA GLY B 193 22.31 -14.26 -10.97
C GLY B 193 22.26 -15.69 -11.49
N ALA B 194 21.15 -16.39 -11.29
CA ALA B 194 21.03 -17.76 -11.79
C ALA B 194 19.84 -17.84 -12.75
N LYS B 195 19.51 -19.05 -13.19
CA LYS B 195 18.39 -19.23 -14.11
C LYS B 195 17.41 -20.24 -13.55
N ALA B 196 16.13 -19.93 -13.69
CA ALA B 196 15.09 -20.81 -13.17
C ALA B 196 13.89 -20.90 -14.10
N LEU B 197 13.13 -21.98 -13.92
CA LEU B 197 11.93 -22.25 -14.69
C LEU B 197 10.98 -23.10 -13.84
N THR B 198 9.68 -22.89 -13.99
CA THR B 198 8.69 -23.67 -13.26
C THR B 198 7.80 -24.38 -14.28
N ILE B 199 7.68 -25.70 -14.14
CA ILE B 199 6.82 -26.49 -15.03
C ILE B 199 5.78 -27.15 -14.13
N CYS B 200 4.51 -27.09 -14.51
CA CYS B 200 3.45 -27.69 -13.71
C CYS B 200 2.42 -28.45 -14.53
N THR B 201 1.79 -29.43 -13.90
CA THR B 201 0.71 -30.17 -14.52
C THR B 201 -0.50 -29.73 -13.71
N VAL B 202 -1.65 -29.58 -14.35
CA VAL B 202 -2.86 -29.18 -13.64
C VAL B 202 -3.42 -30.40 -12.96
N SER B 203 -3.51 -30.36 -11.63
CA SER B 203 -4.01 -31.49 -10.87
C SER B 203 -5.37 -31.19 -10.28
N ASP B 204 -5.81 -29.95 -10.41
CA ASP B 204 -7.08 -29.56 -9.85
C ASP B 204 -7.63 -28.37 -10.59
N HIS B 205 -8.95 -28.32 -10.73
CA HIS B 205 -9.60 -27.20 -11.41
C HIS B 205 -10.43 -26.45 -10.39
N ILE B 206 -10.50 -25.13 -10.54
CA ILE B 206 -11.27 -24.30 -9.62
C ILE B 206 -12.41 -23.64 -10.38
N ARG B 207 -12.35 -23.72 -11.70
CA ARG B 207 -13.39 -23.14 -12.55
C ARG B 207 -14.55 -24.13 -12.66
N THR B 208 -14.21 -25.40 -12.88
CA THR B 208 -15.20 -26.46 -12.99
C THR B 208 -15.09 -27.32 -11.74
N HIS B 209 -13.99 -27.14 -11.02
CA HIS B 209 -13.72 -27.88 -9.79
C HIS B 209 -13.55 -29.36 -10.09
N GLU B 210 -12.37 -29.89 -9.74
CA GLU B 210 -12.07 -31.30 -9.96
C GLU B 210 -10.63 -31.60 -9.59
N GLN B 211 -10.41 -32.80 -9.04
CA GLN B 211 -9.06 -33.24 -8.64
C GLN B 211 -8.49 -34.19 -9.70
N THR B 212 -7.91 -35.29 -9.25
CA THR B 212 -7.31 -36.29 -10.15
C THR B 212 -6.53 -37.34 -9.36
N THR B 213 -6.55 -38.58 -9.88
CA THR B 213 -5.85 -39.72 -9.29
C THR B 213 -6.13 -40.94 -10.16
N ALA B 214 -5.24 -41.17 -11.13
CA ALA B 214 -5.38 -42.29 -12.05
C ALA B 214 -4.05 -42.57 -12.76
N ALA B 215 -4.07 -43.56 -13.65
CA ALA B 215 -2.89 -43.92 -14.41
C ALA B 215 -2.56 -42.79 -15.39
N GLU B 216 -3.60 -42.13 -15.89
CA GLU B 216 -3.42 -41.03 -16.84
C GLU B 216 -2.81 -39.80 -16.17
N ARG B 217 -3.22 -39.53 -14.94
CA ARG B 217 -2.70 -38.40 -14.17
C ARG B 217 -1.21 -38.61 -13.91
N GLN B 218 -0.85 -39.83 -13.52
CA GLN B 218 0.53 -40.18 -13.23
C GLN B 218 1.38 -40.25 -14.50
N THR B 219 0.72 -40.46 -15.64
CA THR B 219 1.41 -40.52 -16.92
C THR B 219 1.80 -39.10 -17.32
N THR B 220 0.92 -38.15 -17.04
CA THR B 220 1.17 -36.75 -17.37
C THR B 220 2.23 -36.15 -16.46
N PHE B 221 2.27 -36.60 -15.21
CA PHE B 221 3.27 -36.11 -14.28
C PHE B 221 4.63 -36.55 -14.77
N ASN B 222 4.72 -37.80 -15.22
CA ASN B 222 5.98 -38.33 -15.73
C ASN B 222 6.39 -37.63 -17.02
N ASP B 223 5.41 -37.25 -17.84
CA ASP B 223 5.72 -36.53 -19.08
C ASP B 223 6.37 -35.20 -18.70
N MET B 224 5.79 -34.51 -17.72
CA MET B 224 6.36 -33.24 -17.29
C MET B 224 7.80 -33.41 -16.87
N ILE B 225 8.09 -34.49 -16.14
CA ILE B 225 9.46 -34.74 -15.68
C ILE B 225 10.38 -35.01 -16.87
N LYS B 226 9.89 -35.73 -17.86
CA LYS B 226 10.72 -36.02 -19.03
C LYS B 226 10.97 -34.72 -19.80
N ILE B 227 9.98 -33.84 -19.80
CA ILE B 227 10.11 -32.55 -20.47
C ILE B 227 11.24 -31.76 -19.80
N ALA B 228 11.25 -31.77 -18.47
CA ALA B 228 12.27 -31.06 -17.70
C ALA B 228 13.65 -31.62 -17.98
N LEU B 229 13.79 -32.93 -17.90
CA LEU B 229 15.07 -33.59 -18.15
C LEU B 229 15.54 -33.43 -19.59
N GLU B 230 14.64 -33.63 -20.55
CA GLU B 230 15.03 -33.49 -21.95
C GLU B 230 15.37 -32.04 -22.28
N SER B 231 14.76 -31.09 -21.58
CA SER B 231 15.04 -29.69 -21.83
C SER B 231 16.45 -29.30 -21.41
N VAL B 232 16.98 -29.94 -20.37
CA VAL B 232 18.34 -29.62 -19.93
C VAL B 232 19.30 -30.12 -21.01
N LEU B 233 18.99 -31.27 -21.60
CA LEU B 233 19.82 -31.86 -22.65
C LEU B 233 19.90 -30.90 -23.83
N LEU B 234 18.77 -30.33 -24.22
CA LEU B 234 18.73 -29.38 -25.32
C LEU B 234 19.51 -28.11 -24.96
N GLY B 235 19.48 -27.74 -23.68
CA GLY B 235 20.18 -26.55 -23.24
C GLY B 235 21.69 -26.68 -23.43
N ASP B 236 22.19 -27.90 -23.30
CA ASP B 236 23.61 -28.17 -23.46
C ASP B 236 24.07 -28.10 -24.91
N LYS B 237 23.23 -28.62 -25.82
CA LYS B 237 23.55 -28.63 -27.25
C LYS B 237 23.28 -27.27 -27.90
N ALA C 1 10.46 21.08 31.98
CA ALA C 1 9.20 21.35 31.30
C ALA C 1 9.32 21.01 29.82
N THR C 2 8.25 20.49 29.23
CA THR C 2 8.25 20.14 27.83
C THR C 2 7.24 21.00 27.08
N PRO C 3 7.20 20.89 25.74
CA PRO C 3 6.26 21.68 24.93
C PRO C 3 4.79 21.58 25.36
N HIS C 4 4.37 20.41 25.84
CA HIS C 4 2.97 20.23 26.24
C HIS C 4 2.77 19.94 27.73
N ILE C 5 3.84 19.91 28.51
CA ILE C 5 3.74 19.64 29.93
C ILE C 5 4.58 20.59 30.77
N ASN C 6 3.93 21.51 31.47
CA ASN C 6 4.65 22.46 32.31
C ASN C 6 4.79 21.88 33.71
N ALA C 7 5.82 21.08 33.89
CA ALA C 7 6.12 20.46 35.17
C ALA C 7 7.62 20.25 35.19
N GLU C 8 8.12 19.61 36.24
CA GLU C 8 9.55 19.38 36.36
C GLU C 8 9.79 17.93 36.78
N MET C 9 10.94 17.39 36.39
CA MET C 9 11.30 16.02 36.74
C MET C 9 11.04 15.88 38.23
N GLY C 10 10.26 14.88 38.60
CA GLY C 10 9.94 14.70 40.01
C GLY C 10 8.48 14.97 40.32
N ASP C 11 7.84 15.82 39.52
CA ASP C 11 6.43 16.13 39.73
C ASP C 11 5.51 14.94 39.44
N PHE C 12 5.94 14.05 38.55
CA PHE C 12 5.15 12.86 38.22
C PHE C 12 5.76 11.62 38.86
N ALA C 13 4.92 10.64 39.17
CA ALA C 13 5.38 9.38 39.75
C ALA C 13 5.93 8.56 38.59
N ASP C 14 6.52 7.40 38.87
CA ASP C 14 7.08 6.57 37.80
C ASP C 14 5.99 5.78 37.06
N VAL C 15 4.77 5.82 37.57
CA VAL C 15 3.63 5.14 36.94
C VAL C 15 2.55 6.19 36.76
N VAL C 16 1.91 6.20 35.60
CA VAL C 16 0.86 7.17 35.33
C VAL C 16 -0.38 6.56 34.72
N LEU C 17 -1.54 6.85 35.32
CA LEU C 17 -2.81 6.36 34.76
C LEU C 17 -3.26 7.48 33.82
N MET C 18 -3.70 7.11 32.62
CA MET C 18 -4.11 8.11 31.64
C MET C 18 -5.45 7.86 30.96
N PRO C 19 -6.46 8.67 31.28
CA PRO C 19 -7.76 8.49 30.64
C PRO C 19 -7.76 9.46 29.47
N GLY C 20 -8.69 9.30 28.54
CA GLY C 20 -8.74 10.22 27.42
C GLY C 20 -9.22 11.57 27.92
N ASP C 21 -10.31 11.54 28.67
CA ASP C 21 -10.95 12.71 29.23
C ASP C 21 -10.16 13.35 30.38
N PRO C 22 -9.73 14.62 30.21
CA PRO C 22 -8.97 15.35 31.23
C PRO C 22 -9.75 15.46 32.54
N LEU C 23 -11.06 15.65 32.42
CA LEU C 23 -11.94 15.77 33.57
C LEU C 23 -11.99 14.47 34.36
N ARG C 24 -11.73 13.34 33.71
CA ARG C 24 -11.75 12.05 34.40
C ARG C 24 -10.51 11.93 35.28
N ALA C 25 -9.41 12.51 34.83
CA ALA C 25 -8.18 12.46 35.60
C ALA C 25 -8.43 13.18 36.92
N LYS C 26 -9.08 14.33 36.83
CA LYS C 26 -9.41 15.14 37.99
C LYS C 26 -10.30 14.32 38.95
N TYR C 27 -11.26 13.61 38.39
CA TYR C 27 -12.17 12.80 39.20
C TYR C 27 -11.40 11.69 39.90
N ILE C 28 -10.45 11.08 39.19
CA ILE C 28 -9.64 10.01 39.74
C ILE C 28 -8.74 10.49 40.86
N ALA C 29 -8.11 11.65 40.65
CA ALA C 29 -7.22 12.21 41.66
C ALA C 29 -7.97 12.56 42.94
N GLU C 30 -9.20 13.02 42.80
CA GLU C 30 -10.02 13.40 43.96
C GLU C 30 -10.69 12.22 44.64
N THR C 31 -10.92 11.14 43.89
CA THR C 31 -11.58 9.96 44.42
C THR C 31 -10.66 8.86 44.92
N PHE C 32 -9.53 8.64 44.26
CA PHE C 32 -8.63 7.57 44.68
C PHE C 32 -7.27 7.97 45.22
N LEU C 33 -6.86 9.21 44.98
CA LEU C 33 -5.56 9.66 45.46
C LEU C 33 -5.65 10.57 46.67
N GLU C 34 -4.65 10.46 47.53
CA GLU C 34 -4.58 11.26 48.74
C GLU C 34 -3.48 12.31 48.57
N ASP C 35 -3.72 13.50 49.09
CA ASP C 35 -2.75 14.59 48.98
C ASP C 35 -2.44 14.84 47.51
N ALA C 36 -3.47 14.72 46.68
CA ALA C 36 -3.34 14.95 45.25
C ALA C 36 -2.96 16.40 44.98
N ARG C 37 -2.02 16.59 44.07
CA ARG C 37 -1.56 17.93 43.71
C ARG C 37 -1.54 18.05 42.19
N GLU C 38 -2.10 19.13 41.67
CA GLU C 38 -2.14 19.35 40.23
C GLU C 38 -0.73 19.71 39.75
N VAL C 39 -0.24 19.01 38.73
CA VAL C 39 1.10 19.29 38.23
C VAL C 39 1.15 19.79 36.78
N ASN C 40 0.01 19.83 36.12
CA ASN C 40 -0.05 20.33 34.75
C ASN C 40 -1.45 20.81 34.37
N ASN C 41 -1.48 21.88 33.58
CA ASN C 41 -2.73 22.49 33.12
C ASN C 41 -2.64 22.94 31.65
N VAL C 42 -1.45 22.80 31.06
CA VAL C 42 -1.27 23.20 29.67
C VAL C 42 -2.36 22.61 28.79
N ARG C 43 -2.95 23.45 27.93
CA ARG C 43 -4.02 23.02 27.04
C ARG C 43 -5.18 22.37 27.80
N GLY C 44 -5.22 22.59 29.11
CA GLY C 44 -6.28 22.02 29.91
C GLY C 44 -6.17 20.52 30.11
N MET C 45 -5.00 19.97 29.80
CA MET C 45 -4.79 18.53 29.97
C MET C 45 -4.33 18.31 31.42
N LEU C 46 -5.28 18.46 32.34
CA LEU C 46 -5.02 18.31 33.78
C LEU C 46 -4.19 17.10 34.17
N GLY C 47 -3.18 17.33 35.00
CA GLY C 47 -2.32 16.26 35.48
C GLY C 47 -2.21 16.32 37.00
N PHE C 48 -2.30 15.17 37.66
CA PHE C 48 -2.24 15.11 39.12
C PHE C 48 -1.29 14.04 39.65
N THR C 49 -0.74 14.30 40.83
CA THR C 49 0.15 13.34 41.48
C THR C 49 -0.23 13.26 42.95
N GLY C 50 -0.52 12.04 43.40
CA GLY C 50 -0.89 11.85 44.78
C GLY C 50 -0.34 10.53 45.25
N THR C 51 -1.06 9.87 46.15
CA THR C 51 -0.61 8.60 46.69
C THR C 51 -1.80 7.65 46.83
N TYR C 52 -1.54 6.35 46.64
CA TYR C 52 -2.57 5.32 46.76
C TYR C 52 -1.99 4.19 47.58
N LYS C 53 -2.53 3.98 48.77
CA LYS C 53 -2.03 2.95 49.68
C LYS C 53 -0.55 3.22 49.92
N GLY C 54 -0.19 4.50 49.92
CA GLY C 54 1.20 4.88 50.15
C GLY C 54 2.05 4.93 48.90
N ARG C 55 1.55 4.38 47.79
CA ARG C 55 2.30 4.39 46.54
C ARG C 55 2.11 5.71 45.80
N LYS C 56 3.20 6.31 45.36
CA LYS C 56 3.12 7.56 44.61
C LYS C 56 2.55 7.22 43.23
N ILE C 57 1.49 7.91 42.85
CA ILE C 57 0.82 7.66 41.58
C ILE C 57 0.41 8.99 40.92
N SER C 58 0.42 9.02 39.60
CA SER C 58 0.00 10.21 38.86
C SER C 58 -1.13 9.83 37.93
N VAL C 59 -1.88 10.83 37.49
CA VAL C 59 -2.99 10.63 36.57
C VAL C 59 -3.11 11.89 35.73
N MET C 60 -3.16 11.71 34.41
CA MET C 60 -3.27 12.82 33.47
C MET C 60 -3.95 12.37 32.18
N GLY C 61 -4.86 13.19 31.67
CA GLY C 61 -5.55 12.85 30.44
C GLY C 61 -4.57 12.85 29.28
N HIS C 62 -4.92 12.18 28.18
CA HIS C 62 -4.04 12.17 27.04
C HIS C 62 -4.71 12.69 25.77
N GLY C 63 -5.98 13.07 25.88
CA GLY C 63 -6.69 13.59 24.72
C GLY C 63 -7.14 12.45 23.81
N VAL C 64 -7.92 12.78 22.79
CA VAL C 64 -8.42 11.77 21.86
C VAL C 64 -7.51 11.50 20.65
N GLY C 65 -7.37 10.22 20.31
CA GLY C 65 -6.56 9.87 19.16
C GLY C 65 -5.09 9.56 19.38
N ILE C 66 -4.54 8.76 18.48
CA ILE C 66 -3.14 8.35 18.53
C ILE C 66 -2.15 9.53 18.55
N PRO C 67 -2.36 10.54 17.71
CA PRO C 67 -1.43 11.68 17.70
C PRO C 67 -1.35 12.44 19.02
N SER C 68 -2.47 12.50 19.74
CA SER C 68 -2.51 13.20 21.01
C SER C 68 -1.81 12.43 22.14
N CYS C 69 -2.26 11.20 22.40
CA CYS C 69 -1.64 10.41 23.47
C CYS C 69 -0.16 10.13 23.20
N SER C 70 0.25 10.11 21.94
CA SER C 70 1.64 9.86 21.60
C SER C 70 2.53 11.00 22.13
N ILE C 71 2.05 12.22 21.96
CA ILE C 71 2.78 13.39 22.43
C ILE C 71 2.99 13.33 23.93
N TYR C 72 1.90 13.15 24.67
CA TYR C 72 1.96 13.12 26.13
C TYR C 72 2.75 11.95 26.69
N THR C 73 2.51 10.75 26.18
CA THR C 73 3.24 9.59 26.67
C THR C 73 4.72 9.75 26.40
N LYS C 74 5.05 10.32 25.24
CA LYS C 74 6.46 10.53 24.88
C LYS C 74 7.12 11.51 25.84
N GLU C 75 6.48 12.65 26.07
CA GLU C 75 7.05 13.66 26.96
C GLU C 75 7.20 13.16 28.40
N LEU C 76 6.25 12.37 28.87
CA LEU C 76 6.31 11.83 30.23
C LEU C 76 7.51 10.90 30.36
N ILE C 77 7.70 10.05 29.35
CA ILE C 77 8.77 9.07 29.32
C ILE C 77 10.17 9.66 29.19
N THR C 78 10.34 10.63 28.31
CA THR C 78 11.69 11.18 28.12
C THR C 78 12.09 12.34 29.03
N ASP C 79 11.14 13.01 29.66
CA ASP C 79 11.47 14.13 30.53
C ASP C 79 11.01 14.04 31.99
N PHE C 80 10.18 13.06 32.33
CA PHE C 80 9.70 12.97 33.71
C PHE C 80 9.93 11.62 34.37
N GLY C 81 10.75 10.79 33.75
CA GLY C 81 11.08 9.49 34.31
C GLY C 81 9.93 8.52 34.47
N VAL C 82 8.90 8.62 33.64
CA VAL C 82 7.79 7.70 33.76
C VAL C 82 8.14 6.34 33.15
N LYS C 83 8.03 5.27 33.94
CA LYS C 83 8.35 3.92 33.49
C LYS C 83 7.12 3.16 33.02
N LYS C 84 5.99 3.39 33.69
CA LYS C 84 4.77 2.69 33.34
C LYS C 84 3.59 3.60 33.03
N ILE C 85 2.93 3.32 31.92
CA ILE C 85 1.76 4.07 31.51
C ILE C 85 0.60 3.10 31.43
N ILE C 86 -0.49 3.41 32.11
CA ILE C 86 -1.67 2.56 32.06
C ILE C 86 -2.84 3.39 31.56
N ARG C 87 -3.28 3.12 30.33
CA ARG C 87 -4.42 3.85 29.82
C ARG C 87 -5.68 3.22 30.39
N VAL C 88 -6.60 4.06 30.87
CA VAL C 88 -7.86 3.59 31.41
C VAL C 88 -8.94 4.37 30.67
N GLY C 89 -9.57 3.71 29.70
CA GLY C 89 -10.59 4.39 28.92
C GLY C 89 -11.85 3.60 28.63
N SER C 90 -12.55 4.01 27.58
CA SER C 90 -13.79 3.35 27.16
C SER C 90 -13.59 2.82 25.74
N CYS C 91 -14.36 1.82 25.36
CA CYS C 91 -14.24 1.26 24.02
C CYS C 91 -15.59 0.80 23.51
N GLY C 92 -15.67 0.56 22.20
CA GLY C 92 -16.91 0.08 21.61
C GLY C 92 -16.75 -1.40 21.33
N ALA C 93 -17.79 -2.19 21.59
CA ALA C 93 -17.71 -3.62 21.35
C ALA C 93 -18.27 -3.99 19.98
N VAL C 94 -17.74 -5.07 19.41
CA VAL C 94 -18.18 -5.53 18.10
C VAL C 94 -18.63 -7.00 18.21
N LEU C 95 -18.18 -7.68 19.27
CA LEU C 95 -18.56 -9.07 19.48
C LEU C 95 -19.88 -9.11 20.26
N PRO C 96 -20.82 -9.98 19.83
CA PRO C 96 -22.12 -10.09 20.52
C PRO C 96 -22.00 -10.54 21.97
N HIS C 97 -21.07 -11.46 22.23
CA HIS C 97 -20.90 -11.98 23.58
C HIS C 97 -20.19 -11.02 24.54
N VAL C 98 -19.75 -9.87 24.02
CA VAL C 98 -19.10 -8.87 24.87
C VAL C 98 -20.19 -7.86 25.18
N LYS C 99 -20.48 -7.67 26.46
CA LYS C 99 -21.53 -6.75 26.88
C LYS C 99 -21.02 -5.47 27.53
N LEU C 100 -21.93 -4.51 27.71
CA LEU C 100 -21.58 -3.22 28.31
C LEU C 100 -21.04 -3.38 29.70
N ARG C 101 -20.23 -2.41 30.11
CA ARG C 101 -19.59 -2.39 31.42
C ARG C 101 -18.48 -3.43 31.53
N ASP C 102 -18.31 -4.25 30.50
CA ASP C 102 -17.26 -5.27 30.51
C ASP C 102 -15.89 -4.61 30.54
N VAL C 103 -14.95 -5.25 31.22
CA VAL C 103 -13.59 -4.74 31.30
C VAL C 103 -12.67 -5.54 30.38
N VAL C 104 -11.99 -4.85 29.47
CA VAL C 104 -11.09 -5.53 28.55
C VAL C 104 -9.66 -5.06 28.72
N ILE C 105 -8.73 -6.02 28.71
CA ILE C 105 -7.30 -5.73 28.85
C ILE C 105 -6.70 -5.96 27.47
N GLY C 106 -6.10 -4.92 26.90
CA GLY C 106 -5.51 -5.08 25.59
C GLY C 106 -4.08 -5.57 25.62
N MET C 107 -3.89 -6.87 25.40
CA MET C 107 -2.53 -7.40 25.40
C MET C 107 -1.93 -7.07 24.04
N GLY C 108 -2.81 -6.82 23.08
CA GLY C 108 -2.39 -6.45 21.74
C GLY C 108 -3.29 -5.34 21.26
N ALA C 109 -2.87 -4.61 20.23
CA ALA C 109 -3.67 -3.53 19.69
C ALA C 109 -3.53 -3.38 18.17
N CYS C 110 -4.62 -3.65 17.45
CA CYS C 110 -4.65 -3.52 16.00
C CYS C 110 -4.88 -2.04 15.72
N THR C 111 -4.69 -1.62 14.48
CA THR C 111 -4.90 -0.21 14.14
C THR C 111 -4.96 0.03 12.65
N ASP C 112 -5.63 1.12 12.25
CA ASP C 112 -5.68 1.45 10.84
C ASP C 112 -4.84 2.72 10.66
N SER C 113 -4.07 3.01 11.70
CA SER C 113 -3.17 4.15 11.70
C SER C 113 -1.87 3.74 11.01
N LYS C 114 -1.09 4.73 10.57
CA LYS C 114 0.17 4.45 9.88
C LYS C 114 1.39 4.71 10.76
N VAL C 115 1.19 5.14 12.00
CA VAL C 115 2.33 5.44 12.87
C VAL C 115 3.33 4.30 13.07
N ASN C 116 2.85 3.08 13.31
CA ASN C 116 3.77 1.97 13.52
C ASN C 116 4.46 1.51 12.25
N ARG C 117 3.80 1.67 11.11
CA ARG C 117 4.41 1.28 9.84
C ARG C 117 5.54 2.26 9.53
N ILE C 118 5.37 3.51 9.95
CA ILE C 118 6.39 4.51 9.72
C ILE C 118 7.61 4.19 10.60
N ARG C 119 7.37 3.65 11.77
CA ARG C 119 8.44 3.26 12.68
C ARG C 119 9.07 1.93 12.27
N PHE C 120 8.26 1.03 11.74
CA PHE C 120 8.69 -0.32 11.39
C PHE C 120 8.92 -0.61 9.90
N LYS C 121 9.49 0.36 9.17
CA LYS C 121 9.77 0.24 7.74
C LYS C 121 8.66 -0.33 6.90
N ASP C 122 7.43 0.08 7.21
CA ASP C 122 6.24 -0.34 6.48
C ASP C 122 5.86 -1.80 6.64
N HIS C 123 6.42 -2.47 7.64
CA HIS C 123 6.07 -3.87 7.90
C HIS C 123 5.04 -3.92 9.02
N ASP C 124 4.68 -5.13 9.44
CA ASP C 124 3.70 -5.30 10.52
C ASP C 124 4.33 -5.33 11.90
N PHE C 125 4.15 -4.28 12.68
CA PHE C 125 4.67 -4.28 14.03
C PHE C 125 3.52 -4.66 14.93
N ALA C 126 3.66 -5.76 15.67
CA ALA C 126 2.60 -6.18 16.58
C ALA C 126 2.65 -5.31 17.83
N ALA C 127 1.73 -4.35 17.93
CA ALA C 127 1.69 -3.46 19.08
C ALA C 127 1.14 -4.22 20.28
N ILE C 128 2.00 -4.53 21.24
CA ILE C 128 1.58 -5.29 22.41
C ILE C 128 1.91 -4.60 23.74
N ALA C 129 1.22 -5.03 24.79
CA ALA C 129 1.43 -4.49 26.13
C ALA C 129 2.52 -5.29 26.84
N ASP C 130 3.02 -4.75 27.94
CA ASP C 130 4.03 -5.44 28.73
C ASP C 130 3.33 -6.63 29.43
N PHE C 131 3.85 -7.83 29.19
CA PHE C 131 3.26 -9.04 29.76
C PHE C 131 2.97 -8.97 31.27
N ASP C 132 3.94 -8.55 32.08
CA ASP C 132 3.74 -8.48 33.51
C ASP C 132 2.62 -7.54 33.91
N MET C 133 2.49 -6.43 33.20
CA MET C 133 1.42 -5.47 33.50
C MET C 133 0.07 -6.10 33.17
N VAL C 134 0.02 -6.89 32.12
CA VAL C 134 -1.21 -7.57 31.74
C VAL C 134 -1.56 -8.59 32.83
N ARG C 135 -0.57 -9.39 33.20
CA ARG C 135 -0.74 -10.42 34.22
C ARG C 135 -1.14 -9.77 35.56
N ASN C 136 -0.53 -8.63 35.88
CA ASN C 136 -0.86 -7.92 37.12
C ASN C 136 -2.32 -7.47 37.12
N ALA C 137 -2.76 -6.93 35.99
CA ALA C 137 -4.13 -6.43 35.85
C ALA C 137 -5.16 -7.56 35.91
N VAL C 138 -4.83 -8.71 35.35
CA VAL C 138 -5.74 -9.84 35.39
C VAL C 138 -5.88 -10.33 36.83
N ASP C 139 -4.76 -10.35 37.56
CA ASP C 139 -4.75 -10.78 38.96
C ASP C 139 -5.47 -9.81 39.88
N ALA C 140 -5.19 -8.52 39.72
CA ALA C 140 -5.84 -7.52 40.55
C ALA C 140 -7.35 -7.60 40.36
N ALA C 141 -7.78 -7.98 39.15
CA ALA C 141 -9.19 -8.09 38.83
C ALA C 141 -9.83 -9.28 39.55
N LYS C 142 -9.15 -10.42 39.53
CA LYS C 142 -9.66 -11.62 40.19
C LYS C 142 -9.84 -11.32 41.67
N ALA C 143 -8.84 -10.67 42.26
CA ALA C 143 -8.87 -10.31 43.67
C ALA C 143 -10.01 -9.34 43.98
N LEU C 144 -10.55 -8.68 42.94
CA LEU C 144 -11.63 -7.74 43.13
C LEU C 144 -12.96 -8.36 42.70
N GLY C 145 -12.90 -9.63 42.28
CA GLY C 145 -14.11 -10.32 41.84
C GLY C 145 -14.63 -9.79 40.52
N ILE C 146 -13.84 -8.94 39.87
CA ILE C 146 -14.25 -8.38 38.58
C ILE C 146 -13.82 -9.25 37.41
N ASP C 147 -14.70 -9.38 36.43
CA ASP C 147 -14.43 -10.18 35.25
C ASP C 147 -13.60 -9.31 34.30
N ALA C 148 -12.76 -9.94 33.48
CA ALA C 148 -11.93 -9.19 32.53
C ALA C 148 -11.44 -10.03 31.36
N ARG C 149 -11.72 -9.57 30.14
CA ARG C 149 -11.28 -10.28 28.95
C ARG C 149 -9.92 -9.75 28.50
N VAL C 150 -9.05 -10.65 28.07
CA VAL C 150 -7.72 -10.27 27.62
C VAL C 150 -7.57 -10.65 26.14
N GLY C 151 -7.26 -9.65 25.31
CA GLY C 151 -7.12 -9.93 23.89
C GLY C 151 -6.71 -8.70 23.11
N ASN C 152 -7.19 -8.60 21.87
CA ASN C 152 -6.86 -7.49 21.01
C ASN C 152 -7.87 -6.36 21.05
N LEU C 153 -7.35 -5.14 20.94
CA LEU C 153 -8.15 -3.94 20.86
C LEU C 153 -7.90 -3.45 19.45
N PHE C 154 -8.72 -2.53 18.97
CA PHE C 154 -8.50 -1.94 17.66
C PHE C 154 -8.48 -0.45 17.91
N SER C 155 -7.39 0.20 17.53
CA SER C 155 -7.27 1.65 17.69
C SER C 155 -7.54 2.28 16.33
N ALA C 156 -8.69 2.95 16.22
CA ALA C 156 -9.08 3.59 14.96
C ALA C 156 -8.67 5.05 14.92
N ASP C 157 -8.45 5.58 13.72
CA ASP C 157 -8.10 6.98 13.55
C ASP C 157 -9.39 7.75 13.34
N LEU C 158 -10.39 7.07 12.78
CA LEU C 158 -11.69 7.69 12.52
C LEU C 158 -12.84 7.11 13.34
N PHE C 159 -13.29 7.88 14.32
CA PHE C 159 -14.40 7.50 15.18
C PHE C 159 -15.64 7.40 14.29
N TYR C 160 -15.71 8.27 13.29
CA TYR C 160 -16.80 8.28 12.33
C TYR C 160 -16.25 7.70 11.02
N SER C 161 -15.97 6.41 11.05
CA SER C 161 -15.41 5.73 9.91
C SER C 161 -16.38 5.49 8.76
N PRO C 162 -15.95 5.78 7.53
CA PRO C 162 -16.79 5.59 6.35
C PRO C 162 -16.75 4.13 5.91
N ASP C 163 -15.98 3.31 6.63
CA ASP C 163 -15.85 1.90 6.30
C ASP C 163 -16.56 0.99 7.29
N GLY C 164 -17.87 0.88 7.17
CA GLY C 164 -18.62 0.03 8.07
C GLY C 164 -18.25 -1.45 8.01
N GLU C 165 -17.92 -1.94 6.82
CA GLU C 165 -17.56 -3.34 6.65
C GLU C 165 -16.44 -3.77 7.60
N MET C 166 -15.49 -2.87 7.86
CA MET C 166 -14.36 -3.17 8.74
C MET C 166 -14.74 -3.71 10.11
N PHE C 167 -15.90 -3.32 10.63
CA PHE C 167 -16.33 -3.82 11.93
C PHE C 167 -16.59 -5.34 11.86
N ASP C 168 -17.01 -5.81 10.70
CA ASP C 168 -17.27 -7.24 10.51
C ASP C 168 -15.94 -7.98 10.55
N VAL C 169 -14.92 -7.38 9.95
CA VAL C 169 -13.58 -7.97 9.92
C VAL C 169 -13.03 -8.00 11.35
N MET C 170 -13.25 -6.93 12.09
CA MET C 170 -12.79 -6.86 13.47
C MET C 170 -13.46 -7.98 14.27
N GLU C 171 -14.77 -8.14 14.06
CA GLU C 171 -15.50 -9.17 14.77
C GLU C 171 -14.94 -10.54 14.43
N LYS C 172 -14.76 -10.81 13.14
CA LYS C 172 -14.23 -12.10 12.70
C LYS C 172 -12.91 -12.45 13.36
N TYR C 173 -12.09 -11.45 13.63
CA TYR C 173 -10.78 -11.70 14.23
C TYR C 173 -10.71 -11.56 15.75
N GLY C 174 -11.88 -11.46 16.37
CA GLY C 174 -11.96 -11.37 17.82
C GLY C 174 -11.62 -10.08 18.53
N ILE C 175 -11.71 -8.94 17.85
CA ILE C 175 -11.41 -7.67 18.49
C ILE C 175 -12.38 -7.51 19.66
N LEU C 176 -11.84 -7.35 20.86
CA LEU C 176 -12.66 -7.19 22.05
C LEU C 176 -13.24 -5.79 22.21
N GLY C 177 -12.47 -4.79 21.82
CA GLY C 177 -12.95 -3.43 21.94
C GLY C 177 -12.33 -2.46 20.94
N VAL C 178 -13.13 -1.48 20.52
CA VAL C 178 -12.66 -0.48 19.57
C VAL C 178 -12.45 0.85 20.27
N GLU C 179 -11.21 1.31 20.30
CA GLU C 179 -10.91 2.59 20.91
C GLU C 179 -10.01 3.40 19.97
N MET C 180 -9.23 4.34 20.49
CA MET C 180 -8.42 5.17 19.59
C MET C 180 -7.00 5.49 20.04
N GLU C 181 -6.44 4.72 20.97
CA GLU C 181 -5.11 5.06 21.45
C GLU C 181 -4.11 3.92 21.64
N ALA C 182 -4.58 2.77 22.09
CA ALA C 182 -3.71 1.64 22.39
C ALA C 182 -2.53 1.40 21.45
N ALA C 183 -2.78 1.27 20.16
CA ALA C 183 -1.70 1.00 19.22
C ALA C 183 -0.62 2.08 19.27
N GLY C 184 -1.05 3.31 19.57
CA GLY C 184 -0.10 4.42 19.65
C GLY C 184 0.70 4.39 20.93
N ILE C 185 0.05 4.14 22.06
CA ILE C 185 0.73 4.07 23.34
C ILE C 185 1.78 2.96 23.31
N TYR C 186 1.42 1.82 22.74
CA TYR C 186 2.33 0.68 22.65
C TYR C 186 3.48 0.98 21.70
N GLY C 187 3.19 1.69 20.62
CA GLY C 187 4.24 2.05 19.67
C GLY C 187 5.25 2.96 20.38
N VAL C 188 4.75 3.94 21.12
CA VAL C 188 5.60 4.88 21.83
C VAL C 188 6.42 4.19 22.92
N ALA C 189 5.77 3.33 23.70
CA ALA C 189 6.45 2.60 24.77
C ALA C 189 7.63 1.81 24.21
N ALA C 190 7.45 1.17 23.06
CA ALA C 190 8.53 0.39 22.46
C ALA C 190 9.63 1.28 21.90
N GLU C 191 9.24 2.43 21.35
CA GLU C 191 10.21 3.36 20.78
C GLU C 191 11.05 4.09 21.83
N PHE C 192 10.42 4.48 22.92
CA PHE C 192 11.16 5.22 23.96
C PHE C 192 11.55 4.44 25.20
N GLY C 193 11.41 3.12 25.12
CA GLY C 193 11.80 2.26 26.22
C GLY C 193 11.06 2.34 27.54
N ALA C 194 9.75 2.10 27.51
CA ALA C 194 8.94 2.11 28.71
C ALA C 194 7.97 0.95 28.61
N LYS C 195 7.04 0.87 29.56
CA LYS C 195 6.06 -0.20 29.58
C LYS C 195 4.67 0.41 29.60
N ALA C 196 3.74 -0.21 28.88
CA ALA C 196 2.38 0.31 28.84
C ALA C 196 1.31 -0.78 28.80
N LEU C 197 0.10 -0.41 29.19
CA LEU C 197 -1.03 -1.33 29.19
C LEU C 197 -2.29 -0.51 29.05
N THR C 198 -3.27 -1.02 28.32
CA THR C 198 -4.53 -0.34 28.15
C THR C 198 -5.65 -1.18 28.72
N ILE C 199 -6.44 -0.57 29.60
CA ILE C 199 -7.57 -1.24 30.20
C ILE C 199 -8.77 -0.41 29.77
N CYS C 200 -9.77 -1.06 29.20
CA CYS C 200 -10.94 -0.35 28.73
C CYS C 200 -12.25 -0.85 29.26
N THR C 201 -13.21 0.07 29.33
CA THR C 201 -14.56 -0.25 29.78
C THR C 201 -15.43 -0.14 28.55
N VAL C 202 -16.16 -1.21 28.24
CA VAL C 202 -17.05 -1.21 27.09
C VAL C 202 -18.18 -0.20 27.36
N SER C 203 -18.12 0.94 26.70
CA SER C 203 -19.12 2.00 26.88
C SER C 203 -20.35 1.84 25.99
N ASP C 204 -20.20 1.11 24.89
CA ASP C 204 -21.33 0.91 24.00
C ASP C 204 -21.06 -0.19 23.01
N HIS C 205 -22.06 -0.46 22.20
CA HIS C 205 -21.96 -1.48 21.18
C HIS C 205 -22.09 -0.80 19.82
N ILE C 206 -21.09 -1.01 18.98
CA ILE C 206 -21.09 -0.42 17.65
C ILE C 206 -22.26 -0.95 16.84
N ARG C 207 -22.73 -2.14 17.21
CA ARG C 207 -23.86 -2.76 16.50
C ARG C 207 -25.19 -2.24 17.04
N THR C 208 -25.47 -2.55 18.30
CA THR C 208 -26.72 -2.16 18.95
C THR C 208 -26.93 -0.65 19.11
N HIS C 209 -25.86 0.12 19.00
CA HIS C 209 -25.96 1.58 19.12
C HIS C 209 -26.56 2.00 20.46
N GLU C 210 -25.70 2.22 21.45
CA GLU C 210 -26.15 2.64 22.77
C GLU C 210 -24.96 2.86 23.69
N GLN C 211 -24.58 4.13 23.85
CA GLN C 211 -23.43 4.50 24.69
C GLN C 211 -23.62 4.12 26.15
N THR C 212 -22.77 4.66 27.01
CA THR C 212 -22.83 4.38 28.45
C THR C 212 -24.28 4.34 28.92
N THR C 213 -24.57 3.47 29.88
CA THR C 213 -25.93 3.32 30.38
C THR C 213 -26.11 3.66 31.86
N ALA C 214 -27.20 4.37 32.17
CA ALA C 214 -27.53 4.78 33.54
C ALA C 214 -26.33 5.21 34.39
N ALA C 215 -26.43 5.01 35.70
CA ALA C 215 -25.36 5.36 36.62
C ALA C 215 -24.29 4.28 36.65
N GLU C 216 -24.45 3.27 35.80
CA GLU C 216 -23.49 2.16 35.72
C GLU C 216 -22.13 2.66 35.25
N ARG C 217 -22.07 3.92 34.81
CA ARG C 217 -20.82 4.50 34.33
C ARG C 217 -19.78 4.59 35.45
N GLN C 218 -20.04 5.47 36.41
CA GLN C 218 -19.14 5.68 37.53
C GLN C 218 -18.70 4.39 38.22
N THR C 219 -19.65 3.49 38.44
CA THR C 219 -19.35 2.23 39.11
C THR C 219 -18.35 1.37 38.33
N THR C 220 -18.64 1.15 37.06
CA THR C 220 -17.75 0.34 36.23
C THR C 220 -16.42 1.07 36.03
N PHE C 221 -16.49 2.39 35.90
CA PHE C 221 -15.28 3.20 35.73
C PHE C 221 -14.41 3.05 36.97
N ASN C 222 -15.07 3.04 38.13
CA ASN C 222 -14.34 2.88 39.38
C ASN C 222 -13.70 1.50 39.47
N ASP C 223 -14.34 0.50 38.87
CA ASP C 223 -13.79 -0.86 38.88
C ASP C 223 -12.49 -0.88 38.09
N MET C 224 -12.52 -0.25 36.92
CA MET C 224 -11.35 -0.18 36.07
C MET C 224 -10.20 0.51 36.78
N ILE C 225 -10.47 1.66 37.39
CA ILE C 225 -9.44 2.41 38.11
C ILE C 225 -8.86 1.58 39.25
N LYS C 226 -9.75 0.91 39.99
CA LYS C 226 -9.36 0.07 41.11
C LYS C 226 -8.43 -1.03 40.60
N ILE C 227 -8.82 -1.64 39.49
CA ILE C 227 -8.02 -2.71 38.88
C ILE C 227 -6.65 -2.18 38.47
N ALA C 228 -6.64 -0.99 37.87
CA ALA C 228 -5.40 -0.37 37.43
C ALA C 228 -4.49 -0.07 38.61
N LEU C 229 -5.06 0.58 39.63
CA LEU C 229 -4.29 0.94 40.82
C LEU C 229 -3.76 -0.29 41.55
N GLU C 230 -4.60 -1.30 41.75
CA GLU C 230 -4.15 -2.51 42.44
C GLU C 230 -3.06 -3.22 41.64
N SER C 231 -3.21 -3.26 40.31
CA SER C 231 -2.22 -3.94 39.46
C SER C 231 -0.84 -3.31 39.61
N VAL C 232 -0.81 -2.01 39.92
CA VAL C 232 0.46 -1.31 40.10
C VAL C 232 1.14 -1.81 41.37
N LEU C 233 0.34 -2.11 42.39
CA LEU C 233 0.90 -2.61 43.64
C LEU C 233 1.43 -4.03 43.48
N LEU C 234 0.73 -4.86 42.70
CA LEU C 234 1.20 -6.22 42.48
C LEU C 234 2.57 -6.11 41.80
N GLY C 235 2.68 -5.17 40.87
CA GLY C 235 3.93 -4.98 40.16
C GLY C 235 5.09 -4.65 41.07
N ASP C 236 4.88 -3.74 42.02
CA ASP C 236 5.93 -3.36 42.96
C ASP C 236 6.41 -4.56 43.78
N LYS C 237 5.46 -5.40 44.21
CA LYS C 237 5.76 -6.59 45.00
C LYS C 237 6.48 -7.66 44.17
P PO4 D . -7.19 17.32 -23.67
O1 PO4 D . -7.67 17.33 -22.27
O2 PO4 D . -6.35 18.52 -23.91
O3 PO4 D . -6.40 16.09 -23.92
O4 PO4 D . -8.37 17.35 -24.59
O5' DBM E . -11.94 15.45 -24.43
C5' DBM E . -11.89 14.35 -23.57
C6' DBM E . -13.31 13.96 -23.14
C4' DBM E . -10.89 14.59 -22.41
O4' DBM E . -11.53 14.59 -21.09
C1' DBM E . -10.76 13.82 -20.18
N9 DBM E . -11.52 12.61 -19.75
C8 DBM E . -12.81 12.26 -20.12
N7 DBM E . -13.22 11.14 -19.59
C5 DBM E . -12.15 10.70 -18.82
C4 DBM E . -11.10 11.60 -18.90
N3 DBM E . -9.87 11.52 -18.29
C2 DBM E . -9.71 10.42 -17.52
N1 DBM E . -10.71 9.45 -17.39
C6 DBM E . -11.98 9.51 -18.00
C7 DBM E . -13.04 8.42 -17.83
C2' DBM E . -9.40 13.58 -20.85
O2' DBM E . -8.46 14.60 -20.48
C3' DBM E . -9.74 13.58 -22.32
O3' DBM E . -8.61 14.05 -23.07
P PO4 F . 4.09 -29.42 -5.48
O1 PO4 F . 3.27 -28.45 -6.22
O2 PO4 F . 3.41 -30.73 -5.45
O3 PO4 F . 5.41 -29.57 -6.15
O4 PO4 F . 4.30 -28.95 -4.10
O5' DBM G . -1.15 -31.09 -6.04
C5' DBM G . -1.43 -30.00 -5.17
C6' DBM G . -2.94 -29.78 -5.06
C4' DBM G . -0.61 -28.75 -5.51
O4' DBM G . -1.30 -27.86 -6.48
C1' DBM G . -1.14 -26.48 -6.06
N9 DBM G . -2.45 -25.86 -5.70
C8 DBM G . -3.71 -26.44 -5.80
N7 DBM G . -4.67 -25.66 -5.38
C5 DBM G . -4.03 -24.50 -4.96
C4 DBM G . -2.66 -24.60 -5.17
N3 DBM G . -1.69 -23.66 -4.88
C2 DBM G . -2.18 -22.51 -4.33
N1 DBM G . -3.55 -22.32 -4.09
C6 DBM G . -4.56 -23.27 -4.38
C7 DBM G . -6.04 -23.02 -4.10
C2' DBM G . -0.08 -26.49 -4.95
O2' DBM G . 1.22 -26.27 -5.49
C3' DBM G . -0.27 -27.85 -4.31
O3' DBM G . 0.95 -28.29 -3.69
P PO4 H . -11.50 7.60 26.47
O1 PO4 H . -12.82 7.96 27.03
O2 PO4 H . -10.53 7.41 27.56
O3 PO4 H . -11.64 6.33 25.71
O4 PO4 H . -11.04 8.67 25.55
O5' DBM I . -14.37 9.48 22.39
C5' DBM I . -14.99 8.28 22.81
C6' DBM I . -15.94 8.61 23.98
C4' DBM I . -13.96 7.16 23.17
O4' DBM I . -14.65 5.78 23.50
C1' DBM I . -14.18 4.99 22.49
N9 DBM I . -15.07 4.46 21.42
C8 DBM I . -16.45 4.19 21.40
N7 DBM I . -16.93 3.85 20.21
C5 DBM I . -15.86 3.96 19.34
C4 DBM I . -14.69 4.38 20.03
N3 DBM I . -13.42 4.60 19.51
C2 DBM I . -13.32 4.38 18.16
N1 DBM I . -14.41 3.98 17.38
C6 DBM I . -15.73 3.73 17.88
C7 DBM I . -16.86 3.29 16.97
C2' DBM I . -12.77 5.34 22.28
O2' DBM I . -11.95 4.98 23.38
C3' DBM I . -12.76 6.83 22.05
O3' DBM I . -11.53 7.42 22.49
#